data_7CT8
#
_entry.id   7CT8
#
_cell.length_a   136.121
_cell.length_b   89.896
_cell.length_c   88.711
_cell.angle_alpha   90.000
_cell.angle_beta   114.760
_cell.angle_gamma   90.000
#
_symmetry.space_group_name_H-M   'C 1 2 1'
#
loop_
_entity.id
_entity.type
_entity.pdbx_description
1 polymer 'tRNA U34 carboxymethyltransferase'
2 water water
#
_entity_poly.entity_id   1
_entity_poly.type   'polypeptide(L)'
_entity_poly.pdbx_seq_one_letter_code
;MMFNFANFYQLIAQDTRLQPWLNVLPQQLTDWQNAEHGDFPRWLKALNKIPEGAPDQIDIKHSVTISNDTPFHQGELKKL
ESLLRTFHPWRKGPYTVHGIHIDTEWRSDWKWDRVLPHISPLKNRSVLDVGCGNGYHMWRMLGEGARLCVGIDPSHLFLI
QFEAIRKLMGGDQRAHLLPLGIEQLPKLEAFDTVFSMGVLYHRRSPLDHLIQLKDQLVSGGELILETLVIEGDETAVLVP
KERYAQMRNVYFFPSARALKVWLELVGFEDVRIVDENVTSVDEQRTTNWMTHNSLPDYLDQNDPSKTVEGYPAPRRAILV
AKKPGHHHHHHG
;
_entity_poly.pdbx_strand_id   A,B
#
# COMPACT_ATOMS: atom_id res chain seq x y z
N MET A 1 29.75 14.94 10.20
CA MET A 1 28.61 15.43 11.02
C MET A 1 28.06 16.72 10.39
N MET A 2 26.82 16.68 9.92
CA MET A 2 26.08 17.89 9.54
C MET A 2 25.26 18.43 10.73
N PHE A 3 24.57 17.58 11.49
CA PHE A 3 23.77 18.00 12.69
C PHE A 3 23.84 16.89 13.73
N ASN A 4 24.19 17.22 14.97
CA ASN A 4 24.35 16.22 16.07
C ASN A 4 23.03 16.03 16.83
N PHE A 5 22.51 14.80 16.83
CA PHE A 5 21.23 14.42 17.48
C PHE A 5 21.46 13.83 18.87
N ALA A 6 22.62 14.10 19.45
CA ALA A 6 23.05 13.66 20.81
C ALA A 6 21.93 13.86 21.83
N ASN A 7 21.34 15.06 21.86
CA ASN A 7 20.29 15.44 22.84
C ASN A 7 19.09 14.50 22.70
N PHE A 8 18.71 14.13 21.48
CA PHE A 8 17.57 13.21 21.26
C PHE A 8 17.96 11.81 21.77
N TYR A 9 19.18 11.35 21.44
CA TYR A 9 19.67 10.01 21.86
C TYR A 9 19.62 9.89 23.39
N GLN A 10 20.06 10.96 24.06
CA GLN A 10 20.03 11.06 25.54
C GLN A 10 18.60 10.93 26.06
N LEU A 11 17.66 11.70 25.46
CA LEU A 11 16.24 11.65 25.88
C LEU A 11 15.70 10.22 25.74
N ILE A 12 15.83 9.57 24.57
CA ILE A 12 15.17 8.24 24.36
C ILE A 12 15.91 7.16 25.17
N ALA A 13 17.22 7.32 25.43
CA ALA A 13 18.00 6.43 26.31
C ALA A 13 17.35 6.38 27.69
N GLN A 14 16.91 7.53 28.19
CA GLN A 14 16.33 7.64 29.56
C GLN A 14 14.81 7.38 29.57
N ASP A 15 14.20 6.97 28.46
CA ASP A 15 12.74 6.66 28.37
C ASP A 15 12.56 5.18 28.03
N THR A 16 11.91 4.40 28.90
CA THR A 16 11.87 2.93 28.73
C THR A 16 11.02 2.56 27.52
N ARG A 17 9.97 3.30 27.17
CA ARG A 17 9.15 2.97 25.97
C ARG A 17 9.89 3.36 24.67
N LEU A 18 10.74 4.37 24.68
CA LEU A 18 11.44 4.85 23.44
C LEU A 18 12.86 4.25 23.32
N GLN A 19 13.41 3.63 24.35
CA GLN A 19 14.81 3.12 24.27
C GLN A 19 14.93 2.11 23.13
N PRO A 20 13.94 1.22 22.88
CA PRO A 20 14.04 0.27 21.78
C PRO A 20 14.34 0.93 20.42
N TRP A 21 13.97 2.19 20.26
CA TRP A 21 14.18 2.96 19.03
C TRP A 21 15.67 3.10 18.73
N LEU A 22 16.52 3.01 19.76
CA LEU A 22 18.00 3.08 19.57
C LEU A 22 18.52 1.89 18.73
N ASN A 23 17.75 0.78 18.65
CA ASN A 23 18.10 -0.38 17.79
C ASN A 23 18.10 -0.04 16.28
N VAL A 24 17.48 1.05 15.81
CA VAL A 24 17.45 1.36 14.33
C VAL A 24 17.74 2.82 14.04
N LEU A 25 17.47 3.73 14.97
CA LEU A 25 17.53 5.18 14.67
C LEU A 25 18.95 5.64 14.36
N PRO A 26 19.98 5.27 15.16
CA PRO A 26 21.29 5.86 14.97
C PRO A 26 21.85 5.61 13.56
N GLN A 27 21.67 4.41 13.00
CA GLN A 27 22.17 4.12 11.63
C GLN A 27 21.47 5.04 10.62
N GLN A 28 20.14 5.20 10.78
CA GLN A 28 19.34 6.03 9.87
C GLN A 28 19.88 7.46 9.91
N LEU A 29 20.19 7.99 11.10
CA LEU A 29 20.63 9.40 11.20
C LEU A 29 22.10 9.51 10.76
N THR A 30 22.93 8.49 10.99
CA THR A 30 24.30 8.41 10.43
C THR A 30 24.21 8.54 8.89
N ASP A 31 23.34 7.76 8.25
CA ASP A 31 23.17 7.76 6.77
C ASP A 31 22.69 9.13 6.28
N TRP A 32 21.78 9.79 7.03
CA TRP A 32 21.27 11.13 6.72
C TRP A 32 22.40 12.15 6.66
N GLN A 33 23.36 12.11 7.58
CA GLN A 33 24.58 12.98 7.60
C GLN A 33 25.30 12.90 6.25
N ASN A 34 25.37 11.72 5.64
CA ASN A 34 26.16 11.47 4.40
C ASN A 34 25.31 11.61 3.14
N ALA A 35 23.99 11.77 3.23
CA ALA A 35 23.11 11.96 2.05
C ALA A 35 23.33 13.37 1.47
N GLU A 36 22.62 13.70 0.38
CA GLU A 36 22.76 15.00 -0.35
C GLU A 36 22.48 16.14 0.63
N HIS A 37 23.49 16.97 0.91
CA HIS A 37 23.47 18.11 1.87
C HIS A 37 22.47 19.20 1.42
N GLY A 38 22.50 19.56 0.13
CA GLY A 38 21.72 20.68 -0.43
C GLY A 38 22.19 21.98 0.19
N ASP A 39 21.24 22.78 0.71
CA ASP A 39 21.52 24.10 1.34
C ASP A 39 21.73 23.98 2.85
N PHE A 40 21.61 22.78 3.43
CA PHE A 40 21.61 22.60 4.91
C PHE A 40 22.85 23.23 5.53
N PRO A 41 24.08 23.08 4.98
CA PRO A 41 25.26 23.72 5.58
C PRO A 41 25.22 25.27 5.60
N ARG A 42 24.69 25.90 4.55
CA ARG A 42 24.52 27.38 4.50
C ARG A 42 23.50 27.79 5.57
N TRP A 43 22.32 27.15 5.57
CA TRP A 43 21.25 27.38 6.56
C TRP A 43 21.79 27.23 7.99
N LEU A 44 22.60 26.19 8.23
CA LEU A 44 23.17 25.90 9.58
C LEU A 44 24.04 27.08 10.05
N LYS A 45 24.72 27.77 9.13
CA LYS A 45 25.60 28.92 9.46
C LYS A 45 24.74 30.08 9.97
N ALA A 46 23.55 30.28 9.40
CA ALA A 46 22.56 31.28 9.86
C ALA A 46 22.01 30.88 11.24
N LEU A 47 21.60 29.62 11.42
CA LEU A 47 21.10 29.08 12.72
C LEU A 47 22.13 29.38 13.81
N ASN A 48 23.41 29.17 13.51
CA ASN A 48 24.51 29.33 14.51
C ASN A 48 24.65 30.80 14.90
N LYS A 49 24.29 31.75 14.02
CA LYS A 49 24.32 33.22 14.33
C LYS A 49 23.11 33.67 15.16
N ILE A 50 21.98 32.95 15.18
CA ILE A 50 20.78 33.31 16.00
C ILE A 50 21.16 33.31 17.48
N PRO A 51 20.82 34.37 18.26
CA PRO A 51 21.27 34.49 19.65
C PRO A 51 20.77 33.34 20.54
N GLU A 52 21.67 32.83 21.37
CA GLU A 52 21.44 31.73 22.34
C GLU A 52 20.77 32.33 23.59
N GLY A 53 20.15 31.52 24.45
CA GLY A 53 19.68 31.99 25.76
C GLY A 53 18.16 32.13 25.86
N ALA A 54 17.64 31.95 27.07
CA ALA A 54 16.20 31.91 27.39
C ALA A 54 15.61 33.28 27.11
N PRO A 55 14.40 33.36 26.51
CA PRO A 55 13.67 34.62 26.47
C PRO A 55 12.97 34.83 27.82
N ASP A 56 12.43 36.02 28.09
CA ASP A 56 11.73 36.31 29.37
C ASP A 56 10.31 35.73 29.33
N GLN A 57 9.59 35.88 28.23
CA GLN A 57 8.15 35.50 28.12
C GLN A 57 7.95 34.56 26.93
N ILE A 58 7.21 33.46 27.16
CA ILE A 58 6.78 32.47 26.14
C ILE A 58 5.27 32.27 26.28
N ASP A 59 4.49 32.59 25.24
CA ASP A 59 3.10 32.09 25.11
C ASP A 59 3.10 30.96 24.07
N ILE A 60 2.78 29.73 24.50
CA ILE A 60 2.50 28.59 23.58
C ILE A 60 1.09 28.06 23.86
N LYS A 61 0.28 28.84 24.56
CA LYS A 61 -1.12 28.50 24.90
C LYS A 61 -2.08 29.07 23.86
N HIS A 62 -1.96 30.36 23.55
CA HIS A 62 -2.96 31.11 22.72
C HIS A 62 -2.38 31.38 21.33
N SER A 63 -1.08 31.15 21.17
CA SER A 63 -0.29 31.45 19.95
C SER A 63 1.08 30.76 20.09
N VAL A 64 2.05 31.14 19.28
CA VAL A 64 3.48 30.87 19.58
C VAL A 64 4.19 32.22 19.52
N THR A 65 4.47 32.76 20.70
CA THR A 65 4.94 34.15 20.88
C THR A 65 6.08 34.09 21.87
N ILE A 66 7.20 34.70 21.50
CA ILE A 66 8.42 34.79 22.33
C ILE A 66 8.72 36.27 22.49
N SER A 67 9.06 36.72 23.70
CA SER A 67 9.39 38.15 23.95
C SER A 67 10.30 38.30 25.17
N ASN A 68 11.11 39.35 25.16
CA ASN A 68 11.92 39.81 26.33
C ASN A 68 11.22 40.99 27.01
N ASP A 69 11.37 41.12 28.33
CA ASP A 69 10.82 42.26 29.11
C ASP A 69 11.51 43.52 28.55
N THR A 70 12.84 43.53 28.55
CA THR A 70 13.71 44.51 27.85
C THR A 70 13.80 44.17 26.36
N PRO A 71 13.17 44.92 25.42
CA PRO A 71 13.37 44.67 23.99
C PRO A 71 14.84 44.70 23.54
N PHE A 72 15.11 43.99 22.42
CA PHE A 72 16.43 43.91 21.74
C PHE A 72 16.78 45.29 21.14
N HIS A 73 18.09 45.54 20.94
CA HIS A 73 18.67 46.68 20.19
C HIS A 73 18.26 46.58 18.69
N GLN A 74 18.05 47.73 18.02
CA GLN A 74 17.54 47.85 16.61
C GLN A 74 18.39 46.97 15.67
N GLY A 75 19.71 46.95 15.90
CA GLY A 75 20.70 46.19 15.12
C GLY A 75 20.51 44.69 15.27
N GLU A 76 20.48 44.20 16.52
CA GLU A 76 20.31 42.76 16.85
C GLU A 76 18.99 42.24 16.27
N LEU A 77 17.90 43.01 16.33
CA LEU A 77 16.56 42.65 15.80
C LEU A 77 16.55 42.61 14.25
N LYS A 78 17.23 43.56 13.58
CA LYS A 78 17.36 43.57 12.10
C LYS A 78 18.10 42.29 11.67
N LYS A 79 19.18 41.94 12.37
CA LYS A 79 20.07 40.78 12.05
C LYS A 79 19.22 39.51 12.21
N LEU A 80 18.53 39.36 13.34
CA LEU A 80 17.66 38.18 13.67
C LEU A 80 16.57 38.01 12.63
N GLU A 81 15.86 39.08 12.27
CA GLU A 81 14.80 39.04 11.22
C GLU A 81 15.41 38.61 9.88
N SER A 82 16.61 39.09 9.55
CA SER A 82 17.31 38.80 8.28
C SER A 82 17.70 37.32 8.24
N LEU A 83 18.20 36.76 9.36
CA LEU A 83 18.58 35.33 9.48
C LEU A 83 17.33 34.47 9.26
N LEU A 84 16.25 34.75 10.00
CA LEU A 84 14.97 34.00 9.90
C LEU A 84 14.42 34.08 8.47
N ARG A 85 14.55 35.21 7.79
CA ARG A 85 14.02 35.43 6.40
C ARG A 85 14.74 34.50 5.41
N THR A 86 16.00 34.13 5.66
CA THR A 86 16.78 33.24 4.75
C THR A 86 16.20 31.82 4.74
N PHE A 87 15.32 31.47 5.70
CA PHE A 87 14.74 30.11 5.80
C PHE A 87 13.36 30.03 5.12
N HIS A 88 12.99 30.95 4.23
CA HIS A 88 11.71 30.94 3.46
C HIS A 88 11.66 29.67 2.61
N PRO A 89 10.47 29.07 2.36
CA PRO A 89 9.20 29.51 2.94
C PRO A 89 8.88 28.89 4.33
N TRP A 90 8.33 29.71 5.22
CA TRP A 90 7.68 29.32 6.48
C TRP A 90 6.20 28.97 6.20
N ARG A 91 5.87 27.69 6.25
CA ARG A 91 4.54 27.17 5.88
C ARG A 91 3.67 27.17 7.14
N LYS A 92 3.95 26.31 8.11
CA LYS A 92 3.12 26.25 9.34
C LYS A 92 3.46 27.44 10.24
N GLY A 93 2.43 27.93 10.94
CA GLY A 93 2.53 29.11 11.83
C GLY A 93 1.15 29.75 12.00
N PRO A 94 1.08 31.07 12.30
CA PRO A 94 2.25 31.96 12.33
C PRO A 94 2.98 32.03 13.68
N TYR A 95 4.11 32.75 13.70
CA TYR A 95 5.02 32.94 14.85
C TYR A 95 5.20 34.45 15.06
N THR A 96 5.42 34.84 16.30
CA THR A 96 5.86 36.20 16.72
C THR A 96 7.06 35.99 17.65
N VAL A 97 8.24 36.43 17.22
CA VAL A 97 9.50 36.23 17.98
C VAL A 97 10.17 37.59 18.15
N HIS A 98 10.16 38.11 19.39
CA HIS A 98 10.78 39.41 19.76
C HIS A 98 10.22 40.52 18.85
N GLY A 99 8.90 40.57 18.62
CA GLY A 99 8.26 41.60 17.78
C GLY A 99 8.20 41.26 16.29
N ILE A 100 9.05 40.37 15.78
CA ILE A 100 9.05 39.97 14.33
C ILE A 100 7.88 39.00 14.09
N HIS A 101 6.92 39.36 13.23
N HIS A 101 6.95 39.36 13.21
CA HIS A 101 5.76 38.50 12.89
CA HIS A 101 5.77 38.54 12.85
C HIS A 101 6.14 37.63 11.69
C HIS A 101 6.15 37.64 11.67
N ILE A 102 6.39 36.35 11.91
CA ILE A 102 6.63 35.37 10.82
C ILE A 102 5.23 35.04 10.30
N ASP A 103 4.91 35.58 9.13
CA ASP A 103 3.57 35.52 8.52
C ASP A 103 3.57 34.37 7.53
N THR A 104 3.07 33.23 7.97
CA THR A 104 3.29 31.92 7.32
C THR A 104 2.30 31.76 6.16
N GLU A 105 2.60 30.83 5.28
CA GLU A 105 1.69 30.45 4.18
C GLU A 105 0.39 29.82 4.71
N TRP A 106 0.38 29.18 5.89
CA TRP A 106 -0.82 28.52 6.49
C TRP A 106 -1.17 29.20 7.81
N ARG A 107 -2.48 29.22 8.11
CA ARG A 107 -3.04 29.58 9.43
C ARG A 107 -3.22 28.26 10.20
N SER A 108 -2.10 27.73 10.70
CA SER A 108 -2.06 26.51 11.53
C SER A 108 -2.76 26.81 12.86
N ASP A 109 -2.72 28.06 13.31
CA ASP A 109 -3.40 28.49 14.55
C ASP A 109 -4.92 28.27 14.46
N TRP A 110 -5.54 28.65 13.35
CA TRP A 110 -7.01 28.55 13.22
C TRP A 110 -7.40 27.06 13.18
N LYS A 111 -6.68 26.26 12.40
CA LYS A 111 -6.98 24.82 12.31
C LYS A 111 -6.79 24.18 13.70
N TRP A 112 -5.80 24.64 14.47
CA TRP A 112 -5.54 24.13 15.84
C TRP A 112 -6.75 24.41 16.74
N ASP A 113 -7.26 25.65 16.71
CA ASP A 113 -8.45 26.11 17.47
C ASP A 113 -9.70 25.27 17.12
N ARG A 114 -9.88 24.91 15.85
CA ARG A 114 -11.10 24.18 15.41
C ARG A 114 -10.99 22.70 15.81
N VAL A 115 -9.78 22.14 15.86
CA VAL A 115 -9.56 20.69 16.12
C VAL A 115 -9.47 20.44 17.64
N LEU A 116 -8.86 21.36 18.40
CA LEU A 116 -8.53 21.15 19.84
C LEU A 116 -9.74 20.65 20.63
N PRO A 117 -10.96 21.22 20.51
CA PRO A 117 -12.09 20.74 21.30
C PRO A 117 -12.45 19.26 21.09
N HIS A 118 -12.04 18.64 19.99
CA HIS A 118 -12.43 17.26 19.60
C HIS A 118 -11.39 16.22 20.03
N ILE A 119 -10.27 16.61 20.59
CA ILE A 119 -9.15 15.68 20.91
C ILE A 119 -9.08 15.47 22.42
N SER A 120 -8.54 14.32 22.85
CA SER A 120 -8.36 13.99 24.28
C SER A 120 -7.36 14.98 24.83
N PRO A 121 -7.56 15.43 26.08
CA PRO A 121 -6.65 16.38 26.70
C PRO A 121 -5.19 15.91 26.61
N LEU A 122 -4.31 16.82 26.20
CA LEU A 122 -2.88 16.53 25.94
C LEU A 122 -2.06 16.50 27.23
N LYS A 123 -2.61 16.93 28.37
CA LYS A 123 -1.85 17.01 29.64
C LYS A 123 -1.12 15.68 29.90
N ASN A 124 0.21 15.73 30.04
CA ASN A 124 1.12 14.60 30.39
C ASN A 124 1.20 13.53 29.29
N ARG A 125 0.63 13.78 28.11
CA ARG A 125 0.67 12.80 26.99
C ARG A 125 2.02 12.93 26.25
N SER A 126 2.54 11.82 25.75
CA SER A 126 3.59 11.84 24.72
C SER A 126 2.92 11.84 23.35
N VAL A 127 3.44 12.66 22.43
CA VAL A 127 2.82 12.91 21.12
C VAL A 127 3.87 12.70 20.03
N LEU A 128 3.48 11.93 19.01
CA LEU A 128 4.24 11.81 17.74
C LEU A 128 3.53 12.67 16.69
N ASP A 129 4.22 13.63 16.09
CA ASP A 129 3.67 14.56 15.06
C ASP A 129 4.28 14.18 13.70
N VAL A 130 3.55 13.41 12.89
CA VAL A 130 4.01 12.85 11.59
C VAL A 130 3.70 13.86 10.49
N GLY A 131 4.69 14.23 9.71
CA GLY A 131 4.55 15.34 8.73
C GLY A 131 4.47 16.68 9.43
N CYS A 132 5.35 16.93 10.40
CA CYS A 132 5.22 18.02 11.40
C CYS A 132 5.68 19.36 10.83
N GLY A 133 6.21 19.40 9.61
CA GLY A 133 6.71 20.66 9.01
C GLY A 133 7.74 21.26 9.93
N ASN A 134 7.70 22.58 10.12
CA ASN A 134 8.64 23.31 11.01
C ASN A 134 8.33 23.06 12.50
N GLY A 135 7.28 22.32 12.84
CA GLY A 135 7.04 21.90 14.23
C GLY A 135 6.09 22.79 15.00
N TYR A 136 5.39 23.72 14.34
CA TYR A 136 4.39 24.64 14.97
C TYR A 136 3.54 23.89 16.00
N HIS A 137 2.93 22.79 15.61
CA HIS A 137 1.88 22.11 16.42
C HIS A 137 2.49 21.54 17.70
N MET A 138 3.78 21.21 17.70
CA MET A 138 4.41 20.60 18.88
C MET A 138 4.47 21.67 19.98
N TRP A 139 4.76 22.93 19.63
CA TRP A 139 4.73 24.04 20.61
C TRP A 139 3.33 24.14 21.22
N ARG A 140 2.28 24.08 20.39
CA ARG A 140 0.87 24.23 20.84
C ARG A 140 0.53 23.06 21.76
N MET A 141 1.08 21.87 21.48
CA MET A 141 0.84 20.63 22.28
C MET A 141 1.50 20.78 23.66
N LEU A 142 2.73 21.33 23.71
CA LEU A 142 3.41 21.63 25.00
C LEU A 142 2.59 22.68 25.74
N GLY A 143 2.04 23.65 25.01
CA GLY A 143 1.16 24.70 25.53
C GLY A 143 -0.05 24.11 26.23
N GLU A 144 -0.47 22.91 25.84
CA GLU A 144 -1.65 22.23 26.42
C GLU A 144 -1.21 21.20 27.47
N GLY A 145 0.07 21.21 27.85
CA GLY A 145 0.64 20.35 28.91
C GLY A 145 1.16 18.99 28.44
N ALA A 146 1.39 18.78 27.13
CA ALA A 146 2.09 17.57 26.65
C ALA A 146 3.45 17.43 27.40
N ARG A 147 3.78 16.21 27.80
CA ARG A 147 5.08 15.87 28.43
C ARG A 147 6.22 15.90 27.39
N LEU A 148 5.93 15.41 26.18
CA LEU A 148 6.96 15.14 25.15
C LEU A 148 6.30 15.15 23.77
N CYS A 149 6.95 15.84 22.84
CA CYS A 149 6.57 15.85 21.42
C CYS A 149 7.75 15.48 20.55
N VAL A 150 7.56 14.46 19.69
CA VAL A 150 8.58 14.07 18.69
C VAL A 150 7.96 14.31 17.31
N GLY A 151 8.60 15.12 16.47
CA GLY A 151 8.16 15.40 15.09
C GLY A 151 8.96 14.58 14.11
N ILE A 152 8.34 14.09 13.04
CA ILE A 152 9.14 13.44 11.97
C ILE A 152 8.72 14.04 10.64
N ASP A 153 9.71 14.56 9.91
CA ASP A 153 9.54 15.20 8.58
C ASP A 153 10.89 15.24 7.88
N PRO A 154 11.03 14.61 6.70
CA PRO A 154 12.33 14.52 6.04
C PRO A 154 12.95 15.81 5.44
N SER A 155 12.31 16.95 5.53
CA SER A 155 12.81 18.20 4.92
C SER A 155 13.97 18.79 5.74
N HIS A 156 15.08 19.10 5.07
CA HIS A 156 16.24 19.81 5.65
C HIS A 156 15.77 21.17 6.20
N LEU A 157 14.94 21.89 5.43
CA LEU A 157 14.52 23.27 5.79
C LEU A 157 13.67 23.22 7.07
N PHE A 158 12.78 22.23 7.20
CA PHE A 158 11.87 22.13 8.36
C PHE A 158 12.69 21.93 9.64
N LEU A 159 13.74 21.13 9.59
CA LEU A 159 14.65 20.88 10.75
C LEU A 159 15.33 22.20 11.18
N ILE A 160 15.81 22.99 10.23
CA ILE A 160 16.43 24.32 10.48
C ILE A 160 15.40 25.25 11.14
N GLN A 161 14.23 25.39 10.54
CA GLN A 161 13.18 26.28 11.08
C GLN A 161 12.88 25.85 12.52
N PHE A 162 12.64 24.57 12.75
CA PHE A 162 12.32 24.06 14.09
C PHE A 162 13.44 24.44 15.05
N GLU A 163 14.70 24.16 14.67
CA GLU A 163 15.87 24.40 15.56
C GLU A 163 16.03 25.90 15.83
N ALA A 164 15.71 26.76 14.86
CA ALA A 164 15.73 28.23 15.08
C ALA A 164 14.68 28.61 16.15
N ILE A 165 13.46 28.12 16.03
CA ILE A 165 12.42 28.41 17.05
C ILE A 165 12.84 27.81 18.40
N ARG A 166 13.32 26.55 18.42
CA ARG A 166 13.73 25.87 19.67
C ARG A 166 14.85 26.68 20.34
N LYS A 167 15.76 27.25 19.56
CA LYS A 167 16.90 28.01 20.13
C LYS A 167 16.38 29.30 20.78
N LEU A 168 15.48 30.02 20.10
CA LEU A 168 14.82 31.23 20.63
C LEU A 168 13.93 30.87 21.85
N MET A 169 13.54 29.61 22.01
CA MET A 169 12.79 29.16 23.21
C MET A 169 13.74 28.85 24.38
N GLY A 170 15.06 28.99 24.18
CA GLY A 170 16.06 28.66 25.19
C GLY A 170 16.46 27.20 25.20
N GLY A 171 16.32 26.47 24.10
CA GLY A 171 16.76 25.06 23.98
C GLY A 171 15.77 24.05 24.59
N ASP A 172 14.49 24.38 24.69
CA ASP A 172 13.44 23.47 25.23
C ASP A 172 13.70 22.06 24.66
N GLN A 173 13.90 21.09 25.55
CA GLN A 173 14.20 19.67 25.21
C GLN A 173 12.94 18.82 25.22
N ARG A 174 11.75 19.39 25.32
CA ARG A 174 10.50 18.59 25.34
C ARG A 174 9.97 18.34 23.93
N ALA A 175 10.48 19.05 22.91
CA ALA A 175 10.17 18.84 21.48
C ALA A 175 11.43 18.64 20.65
N HIS A 176 11.35 17.72 19.68
CA HIS A 176 12.43 17.31 18.76
C HIS A 176 11.86 17.01 17.38
N LEU A 177 12.63 17.31 16.35
CA LEU A 177 12.31 16.98 14.96
C LEU A 177 13.39 16.02 14.42
N LEU A 178 12.96 14.85 13.96
CA LEU A 178 13.82 13.84 13.30
C LEU A 178 13.50 13.83 11.81
N PRO A 179 14.52 13.87 10.93
CA PRO A 179 14.32 13.87 9.48
C PRO A 179 14.06 12.47 8.91
N LEU A 180 12.89 11.93 9.19
CA LEU A 180 12.51 10.52 8.93
C LEU A 180 11.16 10.50 8.24
N GLY A 181 10.90 9.46 7.46
CA GLY A 181 9.50 9.09 7.11
C GLY A 181 8.99 8.11 8.13
N ILE A 182 7.69 8.11 8.35
CA ILE A 182 6.99 7.22 9.31
C ILE A 182 7.34 5.76 8.98
N GLU A 183 7.64 5.43 7.71
CA GLU A 183 7.94 4.03 7.29
C GLU A 183 9.27 3.56 7.91
N GLN A 184 10.15 4.49 8.32
CA GLN A 184 11.44 4.14 8.95
C GLN A 184 11.30 3.76 10.43
N LEU A 185 10.16 3.97 11.05
CA LEU A 185 10.00 3.78 12.50
C LEU A 185 9.77 2.30 12.72
N PRO A 186 10.30 1.73 13.79
CA PRO A 186 9.85 0.40 14.20
C PRO A 186 8.48 0.48 14.91
N LYS A 187 8.02 -0.66 15.38
CA LYS A 187 6.73 -0.76 16.09
C LYS A 187 6.97 -0.39 17.57
N LEU A 188 6.83 0.89 17.92
CA LEU A 188 7.16 1.39 19.30
C LEU A 188 5.98 1.23 20.25
N GLU A 189 4.73 1.41 19.82
CA GLU A 189 3.53 1.42 20.69
C GLU A 189 3.83 2.26 21.95
N ALA A 190 4.32 3.49 21.76
CA ALA A 190 4.91 4.30 22.86
C ALA A 190 4.17 5.61 23.09
N PHE A 191 3.41 6.11 22.13
CA PHE A 191 2.80 7.46 22.23
C PHE A 191 1.32 7.32 22.61
N ASP A 192 0.88 8.28 23.42
CA ASP A 192 -0.54 8.43 23.81
C ASP A 192 -1.35 8.96 22.63
N THR A 193 -0.76 9.87 21.85
CA THR A 193 -1.44 10.57 20.74
C THR A 193 -0.47 10.64 19.56
N VAL A 194 -1.00 10.40 18.35
CA VAL A 194 -0.28 10.53 17.05
C VAL A 194 -1.09 11.46 16.16
N PHE A 195 -0.42 12.46 15.59
CA PHE A 195 -0.95 13.35 14.54
C PHE A 195 -0.32 12.93 13.23
N SER A 196 -1.12 12.71 12.20
CA SER A 196 -0.65 12.51 10.81
C SER A 196 -1.17 13.65 9.96
N MET A 197 -0.30 14.58 9.59
CA MET A 197 -0.70 15.86 8.94
C MET A 197 -0.32 15.88 7.46
N GLY A 198 -1.22 15.52 6.56
CA GLY A 198 -1.01 15.81 5.12
C GLY A 198 -0.02 14.85 4.52
N VAL A 199 0.01 13.62 5.04
CA VAL A 199 0.98 12.59 4.57
C VAL A 199 0.24 11.50 3.77
N LEU A 200 -1.00 11.16 4.12
CA LEU A 200 -1.65 9.93 3.57
C LEU A 200 -1.68 9.99 2.03
N TYR A 201 -1.92 11.16 1.42
CA TYR A 201 -2.16 11.24 -0.03
C TYR A 201 -0.83 11.15 -0.81
N HIS A 202 0.29 11.20 -0.10
CA HIS A 202 1.65 11.03 -0.67
C HIS A 202 2.10 9.57 -0.59
N ARG A 203 1.33 8.69 0.05
CA ARG A 203 1.76 7.29 0.29
C ARG A 203 1.11 6.40 -0.77
N ARG A 204 1.92 5.64 -1.48
CA ARG A 204 1.45 4.61 -2.42
C ARG A 204 0.52 3.60 -1.71
N SER A 205 0.79 3.22 -0.48
CA SER A 205 -0.06 2.28 0.30
C SER A 205 -0.70 3.02 1.48
N PRO A 206 -1.93 3.54 1.30
CA PRO A 206 -2.56 4.31 2.35
C PRO A 206 -2.88 3.43 3.56
N LEU A 207 -3.26 2.17 3.39
CA LEU A 207 -3.58 1.30 4.56
C LEU A 207 -2.30 1.00 5.36
N ASP A 208 -1.14 0.87 4.70
CA ASP A 208 0.13 0.61 5.42
C ASP A 208 0.47 1.85 6.27
N HIS A 209 0.20 3.05 5.76
CA HIS A 209 0.36 4.30 6.52
C HIS A 209 -0.51 4.28 7.79
N LEU A 210 -1.77 3.89 7.68
CA LEU A 210 -2.69 3.85 8.85
C LEU A 210 -2.16 2.79 9.85
N ILE A 211 -1.65 1.66 9.38
CA ILE A 211 -1.14 0.59 10.30
C ILE A 211 0.14 1.09 10.97
N GLN A 212 1.02 1.76 10.24
CA GLN A 212 2.25 2.37 10.78
C GLN A 212 1.88 3.33 11.91
N LEU A 213 0.79 4.11 11.77
CA LEU A 213 0.36 5.06 12.83
C LEU A 213 -0.17 4.26 14.02
N LYS A 214 -1.07 3.32 13.80
CA LYS A 214 -1.58 2.45 14.89
C LYS A 214 -0.40 1.83 15.68
N ASP A 215 0.67 1.43 15.01
CA ASP A 215 1.85 0.77 15.62
C ASP A 215 2.68 1.69 16.54
N GLN A 216 2.50 3.01 16.47
CA GLN A 216 3.24 3.98 17.31
C GLN A 216 2.45 4.31 18.58
N LEU A 217 1.17 3.92 18.66
CA LEU A 217 0.27 4.27 19.77
C LEU A 217 0.28 3.19 20.85
N VAL A 218 0.17 3.61 22.10
CA VAL A 218 -0.12 2.71 23.25
C VAL A 218 -1.56 2.22 23.11
N SER A 219 -1.91 1.19 23.88
CA SER A 219 -3.29 0.71 24.13
C SER A 219 -4.17 1.91 24.46
N GLY A 220 -5.34 2.02 23.83
CA GLY A 220 -6.28 3.15 24.01
C GLY A 220 -5.73 4.50 23.55
N GLY A 221 -4.62 4.58 22.82
CA GLY A 221 -4.08 5.87 22.33
C GLY A 221 -4.99 6.54 21.30
N GLU A 222 -4.71 7.78 20.95
CA GLU A 222 -5.57 8.54 20.00
C GLU A 222 -4.81 8.88 18.73
N LEU A 223 -5.47 8.76 17.58
CA LEU A 223 -4.96 9.25 16.26
C LEU A 223 -5.77 10.47 15.81
N ILE A 224 -5.08 11.53 15.41
CA ILE A 224 -5.66 12.67 14.63
C ILE A 224 -5.03 12.63 13.25
N LEU A 225 -5.83 12.39 12.21
CA LEU A 225 -5.40 12.17 10.82
C LEU A 225 -5.97 13.30 9.96
N GLU A 226 -5.12 14.04 9.29
CA GLU A 226 -5.54 15.06 8.32
C GLU A 226 -5.02 14.67 6.96
N THR A 227 -5.85 14.74 5.94
CA THR A 227 -5.42 14.46 4.55
C THR A 227 -6.35 15.18 3.57
N LEU A 228 -5.96 15.20 2.30
CA LEU A 228 -6.80 15.78 1.21
C LEU A 228 -7.85 14.74 0.82
N VAL A 229 -9.09 15.19 0.61
CA VAL A 229 -10.26 14.32 0.34
C VAL A 229 -11.08 14.91 -0.78
N ILE A 230 -12.04 14.12 -1.27
CA ILE A 230 -13.13 14.56 -2.18
C ILE A 230 -14.46 14.42 -1.43
N GLU A 231 -15.51 15.07 -1.93
CA GLU A 231 -16.89 14.88 -1.44
C GLU A 231 -17.36 13.48 -1.87
N GLY A 232 -18.16 12.82 -1.06
CA GLY A 232 -18.83 11.60 -1.50
C GLY A 232 -19.09 10.69 -0.34
N ASP A 233 -19.61 9.52 -0.64
CA ASP A 233 -19.96 8.47 0.35
C ASP A 233 -18.74 7.54 0.55
N GLU A 234 -18.98 6.39 1.16
N GLU A 234 -18.99 6.39 1.18
CA GLU A 234 -17.96 5.41 1.60
CA GLU A 234 -17.98 5.38 1.61
C GLU A 234 -17.22 4.77 0.40
C GLU A 234 -17.22 4.77 0.40
N THR A 235 -17.70 4.91 -0.83
CA THR A 235 -17.06 4.33 -2.05
C THR A 235 -16.56 5.43 -3.00
N ALA A 236 -16.46 6.68 -2.53
CA ALA A 236 -15.84 7.75 -3.33
C ALA A 236 -14.33 7.84 -3.08
N VAL A 237 -13.49 7.54 -4.06
CA VAL A 237 -12.00 7.58 -3.92
C VAL A 237 -11.38 8.02 -5.24
N LEU A 238 -10.75 9.20 -5.25
CA LEU A 238 -10.03 9.72 -6.43
C LEU A 238 -8.59 9.20 -6.39
N VAL A 239 -8.13 8.64 -7.50
CA VAL A 239 -6.71 8.42 -7.79
C VAL A 239 -6.43 9.11 -9.11
N PRO A 240 -5.59 10.17 -9.14
CA PRO A 240 -5.37 10.94 -10.37
C PRO A 240 -4.42 10.22 -11.34
N LYS A 241 -4.68 10.33 -12.65
CA LYS A 241 -3.89 9.64 -13.70
C LYS A 241 -2.48 10.24 -13.75
N GLU A 242 -2.31 11.52 -13.42
CA GLU A 242 -0.99 12.18 -13.37
C GLU A 242 -0.91 13.03 -12.09
N ARG A 243 -1.03 14.36 -12.20
CA ARG A 243 -0.81 15.30 -11.07
C ARG A 243 -2.16 15.77 -10.52
N TYR A 244 -2.17 16.16 -9.25
CA TYR A 244 -3.36 16.69 -8.54
C TYR A 244 -2.98 18.04 -7.96
N ALA A 245 -3.65 19.11 -8.37
CA ALA A 245 -3.31 20.47 -7.93
C ALA A 245 -1.79 20.70 -8.08
N GLN A 246 -1.22 20.27 -9.21
CA GLN A 246 0.21 20.49 -9.61
C GLN A 246 1.18 19.61 -8.82
N MET A 247 0.70 18.68 -8.01
CA MET A 247 1.58 17.90 -7.12
C MET A 247 1.83 16.54 -7.78
N ARG A 248 3.09 16.13 -7.84
CA ARG A 248 3.54 14.77 -8.26
C ARG A 248 3.56 13.89 -7.01
N ASN A 249 3.65 12.57 -7.15
CA ASN A 249 3.81 11.66 -5.98
C ASN A 249 2.53 11.75 -5.12
N VAL A 250 1.38 11.67 -5.78
CA VAL A 250 0.04 11.68 -5.13
C VAL A 250 -0.70 10.40 -5.53
N TYR A 251 -1.44 9.81 -4.61
CA TYR A 251 -2.08 8.49 -4.80
C TYR A 251 -3.57 8.60 -4.43
N PHE A 252 -3.94 8.34 -3.19
CA PHE A 252 -5.35 8.17 -2.80
C PHE A 252 -5.89 9.44 -2.13
N PHE A 253 -7.06 9.87 -2.61
CA PHE A 253 -7.88 10.97 -2.08
C PHE A 253 -9.26 10.39 -1.82
N PRO A 254 -9.46 9.68 -0.70
CA PRO A 254 -10.78 9.15 -0.36
C PRO A 254 -11.69 10.30 0.08
N SER A 255 -13.00 10.11 0.02
CA SER A 255 -13.93 10.95 0.82
C SER A 255 -13.60 10.73 2.31
N ALA A 256 -13.97 11.68 3.16
CA ALA A 256 -13.87 11.53 4.62
C ALA A 256 -14.63 10.26 5.06
N ARG A 257 -15.77 9.96 4.46
CA ARG A 257 -16.59 8.82 4.91
C ARG A 257 -15.90 7.52 4.49
N ALA A 258 -15.25 7.52 3.33
CA ALA A 258 -14.44 6.38 2.86
C ALA A 258 -13.28 6.17 3.86
N LEU A 259 -12.56 7.25 4.16
CA LEU A 259 -11.39 7.22 5.08
C LEU A 259 -11.81 6.64 6.45
N LYS A 260 -13.03 6.92 6.89
CA LYS A 260 -13.55 6.42 8.19
C LYS A 260 -13.64 4.91 8.11
N VAL A 261 -14.07 4.38 6.97
CA VAL A 261 -14.17 2.89 6.81
C VAL A 261 -12.77 2.29 6.80
N TRP A 262 -11.83 2.93 6.11
CA TRP A 262 -10.43 2.46 6.01
C TRP A 262 -9.84 2.31 7.42
N LEU A 263 -10.03 3.31 8.29
CA LEU A 263 -9.52 3.30 9.69
C LEU A 263 -10.14 2.15 10.46
N GLU A 264 -11.42 1.87 10.24
CA GLU A 264 -12.13 0.77 10.97
C GLU A 264 -11.56 -0.57 10.50
N LEU A 265 -11.24 -0.69 9.21
CA LEU A 265 -10.78 -1.94 8.59
C LEU A 265 -9.46 -2.35 9.24
N VAL A 266 -8.54 -1.41 9.40
CA VAL A 266 -7.19 -1.68 9.98
C VAL A 266 -7.29 -1.71 11.52
N GLY A 267 -8.45 -1.49 12.13
CA GLY A 267 -8.66 -1.86 13.54
C GLY A 267 -8.91 -0.70 14.50
N PHE A 268 -8.98 0.53 14.02
CA PHE A 268 -9.33 1.69 14.85
C PHE A 268 -10.82 1.62 15.20
N GLU A 269 -11.14 2.29 16.29
CA GLU A 269 -12.43 2.37 16.99
C GLU A 269 -12.85 3.85 17.09
N ASP A 270 -14.15 4.08 17.26
CA ASP A 270 -14.72 5.39 17.68
C ASP A 270 -14.21 6.45 16.68
N VAL A 271 -14.34 6.17 15.39
CA VAL A 271 -13.81 7.06 14.31
C VAL A 271 -14.82 8.19 14.11
N ARG A 272 -14.38 9.44 14.19
CA ARG A 272 -15.23 10.62 14.01
C ARG A 272 -14.61 11.53 12.94
N ILE A 273 -15.43 12.04 12.04
CA ILE A 273 -15.02 13.14 11.11
C ILE A 273 -15.28 14.43 11.86
N VAL A 274 -14.27 15.24 12.15
CA VAL A 274 -14.46 16.39 13.09
C VAL A 274 -14.31 17.71 12.36
N ASP A 275 -13.81 17.73 11.13
CA ASP A 275 -13.63 19.00 10.38
C ASP A 275 -13.43 18.66 8.90
N GLU A 276 -14.05 19.42 8.02
CA GLU A 276 -13.86 19.28 6.56
C GLU A 276 -14.08 20.65 5.92
N ASN A 277 -13.11 21.13 5.12
CA ASN A 277 -13.11 22.50 4.56
C ASN A 277 -12.32 22.48 3.25
N VAL A 278 -12.63 23.39 2.33
CA VAL A 278 -11.73 23.68 1.18
C VAL A 278 -10.40 24.13 1.79
N THR A 279 -9.26 23.76 1.20
CA THR A 279 -7.93 24.00 1.83
C THR A 279 -7.65 25.49 1.97
N SER A 280 -8.26 26.30 1.12
CA SER A 280 -8.09 27.79 1.11
C SER A 280 -8.56 28.39 2.43
N VAL A 281 -9.47 27.75 3.17
CA VAL A 281 -9.90 28.22 4.52
C VAL A 281 -8.66 28.47 5.39
N ASP A 282 -7.67 27.58 5.34
CA ASP A 282 -6.49 27.64 6.22
C ASP A 282 -5.22 28.12 5.50
N GLU A 283 -5.32 28.59 4.25
CA GLU A 283 -4.17 29.15 3.49
C GLU A 283 -4.18 30.69 3.62
N GLN A 284 -3.00 31.31 3.66
CA GLN A 284 -2.83 32.76 3.41
C GLN A 284 -2.32 32.95 1.97
N ARG A 285 -2.57 34.13 1.42
CA ARG A 285 -2.21 34.52 0.03
C ARG A 285 -1.51 35.87 0.09
N THR A 286 -0.39 36.00 -0.60
CA THR A 286 0.26 37.31 -0.91
C THR A 286 -0.63 38.06 -1.92
N THR A 287 -1.22 39.16 -1.49
CA THR A 287 -2.34 39.84 -2.16
C THR A 287 -2.06 41.36 -2.19
N ASN A 288 -0.94 41.76 -2.79
CA ASN A 288 -0.50 43.18 -2.78
C ASN A 288 -0.90 43.89 -4.09
N TRP A 289 -0.29 45.05 -4.32
CA TRP A 289 -0.54 45.96 -5.46
C TRP A 289 -0.05 45.34 -6.76
N MET A 290 0.93 44.44 -6.68
CA MET A 290 1.64 43.78 -7.81
C MET A 290 0.89 42.51 -8.23
N THR A 291 -0.12 42.07 -7.46
CA THR A 291 -0.75 40.75 -7.70
C THR A 291 -1.45 40.77 -9.07
N HIS A 292 -1.19 39.78 -9.91
CA HIS A 292 -1.87 39.60 -11.22
C HIS A 292 -3.21 38.93 -10.93
N ASN A 293 -3.31 37.63 -11.11
CA ASN A 293 -4.52 36.85 -10.73
C ASN A 293 -4.39 36.40 -9.27
N SER A 294 -5.41 36.61 -8.46
CA SER A 294 -5.46 36.25 -7.03
C SER A 294 -5.55 34.72 -6.80
N LEU A 295 -6.18 33.97 -7.74
CA LEU A 295 -6.39 32.51 -7.64
C LEU A 295 -5.05 31.83 -7.51
N PRO A 296 -4.89 30.91 -6.54
CA PRO A 296 -3.72 30.02 -6.51
C PRO A 296 -3.51 29.33 -7.86
N ASP A 297 -2.25 29.02 -8.16
CA ASP A 297 -1.78 28.44 -9.44
C ASP A 297 -2.43 27.08 -9.67
N TYR A 298 -2.73 26.35 -8.58
CA TYR A 298 -3.23 24.95 -8.66
C TYR A 298 -4.71 24.92 -9.08
N LEU A 299 -5.44 26.04 -8.92
CA LEU A 299 -6.87 26.13 -9.32
C LEU A 299 -6.97 26.58 -10.78
N ASP A 300 -7.98 26.09 -11.46
CA ASP A 300 -8.42 26.54 -12.80
C ASP A 300 -8.95 27.99 -12.71
N GLN A 301 -8.31 28.95 -13.42
CA GLN A 301 -8.67 30.41 -13.45
C GLN A 301 -10.05 30.63 -14.08
N ASN A 302 -10.47 29.73 -14.97
CA ASN A 302 -11.78 29.67 -15.66
C ASN A 302 -12.87 29.09 -14.76
N ASP A 303 -12.54 28.41 -13.65
CA ASP A 303 -13.50 27.72 -12.74
C ASP A 303 -12.78 27.31 -11.45
N PRO A 304 -12.73 28.20 -10.44
CA PRO A 304 -11.98 27.91 -9.21
C PRO A 304 -12.58 26.81 -8.30
N SER A 305 -13.66 26.17 -8.74
CA SER A 305 -14.17 24.94 -8.07
C SER A 305 -13.36 23.72 -8.51
N LYS A 306 -12.40 23.86 -9.43
CA LYS A 306 -11.62 22.74 -10.01
C LYS A 306 -10.12 23.04 -9.97
N THR A 307 -9.29 22.01 -9.93
CA THR A 307 -7.82 22.10 -10.12
C THR A 307 -7.54 22.43 -11.59
N VAL A 308 -6.32 22.85 -11.91
CA VAL A 308 -5.87 23.09 -13.32
C VAL A 308 -6.05 21.83 -14.16
N GLU A 309 -6.04 20.64 -13.53
CA GLU A 309 -6.19 19.34 -14.24
C GLU A 309 -7.67 19.02 -14.42
N GLY A 310 -8.56 19.71 -13.71
CA GLY A 310 -10.02 19.47 -13.81
C GLY A 310 -10.58 18.53 -12.75
N TYR A 311 -9.85 18.22 -11.68
CA TYR A 311 -10.41 17.51 -10.50
C TYR A 311 -11.14 18.51 -9.60
N PRO A 312 -11.98 18.05 -8.64
CA PRO A 312 -12.53 18.96 -7.63
C PRO A 312 -11.43 19.66 -6.82
N ALA A 313 -11.65 20.93 -6.47
CA ALA A 313 -10.68 21.77 -5.73
C ALA A 313 -10.34 21.10 -4.40
N PRO A 314 -9.10 21.25 -3.92
CA PRO A 314 -8.66 20.55 -2.71
C PRO A 314 -9.53 20.77 -1.47
N ARG A 315 -9.83 19.70 -0.74
CA ARG A 315 -10.51 19.75 0.58
C ARG A 315 -9.73 18.91 1.58
N ARG A 316 -9.65 19.38 2.82
CA ARG A 316 -8.91 18.74 3.91
C ARG A 316 -9.96 18.25 4.91
N ALA A 317 -9.85 16.99 5.32
CA ALA A 317 -10.68 16.39 6.39
C ALA A 317 -9.75 15.99 7.54
N ILE A 318 -10.27 16.07 8.75
CA ILE A 318 -9.56 15.73 10.00
C ILE A 318 -10.43 14.70 10.71
N LEU A 319 -9.87 13.53 10.96
CA LEU A 319 -10.55 12.42 11.64
C LEU A 319 -9.85 12.18 12.97
N VAL A 320 -10.59 11.71 13.96
CA VAL A 320 -10.05 11.33 15.29
C VAL A 320 -10.47 9.88 15.50
N ALA A 321 -9.56 9.01 15.89
CA ALA A 321 -9.83 7.59 16.16
C ALA A 321 -9.05 7.10 17.40
N LYS A 322 -9.42 5.93 17.89
CA LYS A 322 -8.90 5.31 19.14
C LYS A 322 -8.30 3.96 18.76
N LYS A 323 -7.07 3.66 19.19
CA LYS A 323 -6.55 2.28 19.16
C LYS A 323 -7.31 1.49 20.21
N PRO A 324 -7.76 0.25 19.92
CA PRO A 324 -8.39 -0.59 20.93
C PRO A 324 -7.57 -0.73 22.22
N GLY A 325 -8.27 -0.96 23.33
CA GLY A 325 -7.68 -1.25 24.66
C GLY A 325 -7.92 -0.09 25.60
N HIS A 326 -7.74 -0.30 26.90
CA HIS A 326 -7.88 0.73 27.97
C HIS A 326 -6.62 1.60 27.94
N HIS A 327 -6.78 2.93 28.01
CA HIS A 327 -5.65 3.92 28.08
C HIS A 327 -5.18 4.04 29.54
N HIS A 328 -3.95 3.59 29.84
CA HIS A 328 -3.33 3.56 31.20
C HIS A 328 -2.74 4.92 31.56
N HIS A 329 -2.54 5.17 32.86
CA HIS A 329 -2.08 6.44 33.51
C HIS A 329 -3.15 7.53 33.27
N HIS A 330 -4.44 7.17 33.39
CA HIS A 330 -5.64 8.00 33.07
C HIS A 330 -5.57 8.44 31.60
N MET B 1 14.36 -31.72 3.56
CA MET B 1 13.89 -31.72 2.15
C MET B 1 12.52 -32.41 2.10
N MET B 2 11.48 -31.64 1.80
CA MET B 2 10.13 -32.18 1.55
C MET B 2 9.93 -32.39 0.04
N PHE B 3 10.38 -31.46 -0.81
CA PHE B 3 10.21 -31.52 -2.28
C PHE B 3 11.43 -30.88 -2.93
N ASN B 4 12.01 -31.54 -3.92
CA ASN B 4 13.25 -31.10 -4.60
C ASN B 4 12.92 -30.25 -5.83
N PHE B 5 13.36 -28.98 -5.84
CA PHE B 5 13.13 -28.01 -6.93
C PHE B 5 14.32 -27.96 -7.87
N ALA B 6 15.18 -28.99 -7.82
CA ALA B 6 16.38 -29.13 -8.67
C ALA B 6 16.07 -28.81 -10.13
N ASN B 7 14.98 -29.39 -10.66
CA ASN B 7 14.59 -29.23 -12.08
C ASN B 7 14.33 -27.75 -12.38
N PHE B 8 13.69 -27.02 -11.47
CA PHE B 8 13.43 -25.58 -11.70
C PHE B 8 14.76 -24.81 -11.62
N TYR B 9 15.63 -25.14 -10.66
CA TYR B 9 16.97 -24.49 -10.54
C TYR B 9 17.73 -24.65 -11.86
N GLN B 10 17.71 -25.86 -12.40
CA GLN B 10 18.37 -26.20 -13.68
C GLN B 10 17.79 -25.35 -14.82
N LEU B 11 16.45 -25.27 -14.90
CA LEU B 11 15.76 -24.51 -15.96
C LEU B 11 16.20 -23.04 -15.90
N ILE B 12 16.10 -22.39 -14.73
CA ILE B 12 16.37 -20.92 -14.66
C ILE B 12 17.88 -20.66 -14.79
N ALA B 13 18.73 -21.61 -14.37
CA ALA B 13 20.20 -21.54 -14.57
C ALA B 13 20.51 -21.38 -16.05
N GLN B 14 19.79 -22.13 -16.90
CA GLN B 14 20.05 -22.18 -18.36
C GLN B 14 19.29 -21.06 -19.11
N ASP B 15 18.54 -20.20 -18.41
CA ASP B 15 17.80 -19.07 -19.02
C ASP B 15 18.42 -17.74 -18.56
N THR B 16 18.90 -16.95 -19.53
CA THR B 16 19.65 -15.69 -19.30
C THR B 16 18.79 -14.70 -18.48
N ARG B 17 17.51 -14.57 -18.80
CA ARG B 17 16.63 -13.58 -18.12
C ARG B 17 16.23 -14.05 -16.72
N LEU B 18 16.12 -15.37 -16.49
CA LEU B 18 15.65 -15.88 -15.18
C LEU B 18 16.82 -16.25 -14.25
N GLN B 19 18.06 -16.31 -14.73
CA GLN B 19 19.18 -16.76 -13.87
C GLN B 19 19.30 -15.83 -12.65
N PRO B 20 19.15 -14.50 -12.77
CA PRO B 20 19.25 -13.62 -11.60
C PRO B 20 18.33 -14.05 -10.44
N TRP B 21 17.25 -14.76 -10.72
CA TRP B 21 16.28 -15.25 -9.72
C TRP B 21 16.98 -16.19 -8.74
N LEU B 22 18.08 -16.84 -9.16
CA LEU B 22 18.85 -17.76 -8.28
C LEU B 22 19.47 -17.00 -7.10
N ASN B 23 19.63 -15.68 -7.19
CA ASN B 23 20.12 -14.82 -6.08
C ASN B 23 19.18 -14.83 -4.86
N VAL B 24 17.88 -15.15 -4.98
CA VAL B 24 16.93 -15.08 -3.82
C VAL B 24 16.07 -16.35 -3.69
N LEU B 25 15.82 -17.06 -4.78
CA LEU B 25 14.82 -18.16 -4.77
C LEU B 25 15.27 -19.32 -3.88
N PRO B 26 16.54 -19.78 -3.96
CA PRO B 26 16.91 -20.99 -3.24
C PRO B 26 16.72 -20.85 -1.71
N GLN B 27 17.10 -19.72 -1.11
CA GLN B 27 16.91 -19.56 0.37
C GLN B 27 15.40 -19.56 0.69
N GLN B 28 14.58 -18.94 -0.14
CA GLN B 28 13.11 -18.88 0.07
C GLN B 28 12.55 -20.31 0.05
N LEU B 29 12.97 -21.14 -0.90
CA LEU B 29 12.43 -22.52 -0.99
C LEU B 29 13.05 -23.39 0.11
N THR B 30 14.31 -23.17 0.50
CA THR B 30 14.90 -23.83 1.69
C THR B 30 14.01 -23.52 2.92
N ASP B 31 13.66 -22.26 3.16
CA ASP B 31 12.81 -21.87 4.32
C ASP B 31 11.41 -22.51 4.23
N TRP B 32 10.85 -22.62 3.03
CA TRP B 32 9.54 -23.27 2.78
C TRP B 32 9.58 -24.75 3.22
N GLN B 33 10.66 -25.49 2.91
CA GLN B 33 10.88 -26.91 3.32
C GLN B 33 10.74 -27.03 4.84
N ASN B 34 11.22 -26.04 5.60
CA ASN B 34 11.31 -26.08 7.08
C ASN B 34 10.07 -25.47 7.73
N ALA B 35 9.15 -24.85 6.99
CA ALA B 35 7.91 -24.25 7.55
C ALA B 35 6.92 -25.37 7.92
N GLU B 36 5.70 -25.02 8.38
CA GLU B 36 4.65 -25.98 8.84
C GLU B 36 4.35 -26.96 7.70
N HIS B 37 4.67 -28.25 7.88
CA HIS B 37 4.56 -29.33 6.85
C HIS B 37 3.06 -29.61 6.54
N GLY B 38 2.24 -29.72 7.59
CA GLY B 38 0.85 -30.20 7.50
C GLY B 38 0.79 -31.61 6.95
N ASP B 39 -0.03 -31.82 5.91
CA ASP B 39 -0.25 -33.13 5.25
C ASP B 39 0.72 -33.37 4.09
N PHE B 40 1.59 -32.40 3.76
CA PHE B 40 2.44 -32.44 2.55
C PHE B 40 3.27 -33.73 2.50
N PRO B 41 3.90 -34.20 3.60
CA PRO B 41 4.67 -35.46 3.53
C PRO B 41 3.81 -36.71 3.23
N ARG B 42 2.59 -36.78 3.77
CA ARG B 42 1.63 -37.88 3.47
C ARG B 42 1.23 -37.80 1.99
N TRP B 43 0.76 -36.63 1.54
CA TRP B 43 0.42 -36.33 0.12
C TRP B 43 1.57 -36.73 -0.81
N LEU B 44 2.82 -36.39 -0.46
CA LEU B 44 4.02 -36.71 -1.29
C LEU B 44 4.13 -38.23 -1.47
N LYS B 45 3.76 -39.02 -0.46
CA LYS B 45 3.85 -40.51 -0.54
C LYS B 45 2.83 -41.04 -1.57
N ALA B 46 1.65 -40.43 -1.67
CA ALA B 46 0.66 -40.72 -2.73
C ALA B 46 1.20 -40.33 -4.12
N LEU B 47 1.76 -39.11 -4.26
CA LEU B 47 2.38 -38.61 -5.51
C LEU B 47 3.43 -39.63 -5.98
N ASN B 48 4.24 -40.16 -5.06
CA ASN B 48 5.35 -41.10 -5.37
C ASN B 48 4.78 -42.41 -5.94
N LYS B 49 3.55 -42.80 -5.56
CA LYS B 49 2.90 -44.04 -6.06
C LYS B 49 2.26 -43.84 -7.44
N ILE B 50 1.93 -42.61 -7.86
CA ILE B 50 1.31 -42.32 -9.20
C ILE B 50 2.25 -42.80 -10.31
N PRO B 51 1.77 -43.59 -11.31
CA PRO B 51 2.66 -44.17 -12.32
C PRO B 51 3.41 -43.14 -13.15
N GLU B 52 4.70 -43.36 -13.33
CA GLU B 52 5.66 -42.51 -14.08
C GLU B 52 5.53 -42.87 -15.57
N GLY B 53 6.10 -42.07 -16.47
CA GLY B 53 6.22 -42.41 -17.91
C GLY B 53 5.24 -41.65 -18.78
N ALA B 54 5.65 -41.34 -20.02
CA ALA B 54 4.89 -40.55 -21.02
C ALA B 54 3.60 -41.26 -21.35
N PRO B 55 2.46 -40.55 -21.45
CA PRO B 55 1.24 -41.14 -21.99
C PRO B 55 1.33 -41.12 -23.52
N ASP B 56 0.43 -41.83 -24.22
CA ASP B 56 0.46 -41.90 -25.71
C ASP B 56 -0.17 -40.64 -26.31
N GLN B 57 -1.28 -40.15 -25.75
CA GLN B 57 -2.03 -38.98 -26.27
C GLN B 57 -2.20 -37.91 -25.19
N ILE B 58 -1.91 -36.65 -25.57
CA ILE B 58 -2.09 -35.44 -24.72
C ILE B 58 -2.89 -34.42 -25.52
N ASP B 59 -4.08 -34.05 -25.04
CA ASP B 59 -4.75 -32.80 -25.50
C ASP B 59 -4.59 -31.73 -24.41
N ILE B 60 -3.88 -30.64 -24.73
CA ILE B 60 -3.85 -29.40 -23.90
C ILE B 60 -4.34 -28.22 -24.75
N LYS B 61 -4.95 -28.52 -25.90
CA LYS B 61 -5.44 -27.48 -26.85
C LYS B 61 -6.91 -27.21 -26.54
N HIS B 62 -7.75 -28.25 -26.46
CA HIS B 62 -9.23 -28.11 -26.35
C HIS B 62 -9.71 -28.40 -24.93
N SER B 63 -8.83 -28.97 -24.10
CA SER B 63 -9.11 -29.45 -22.73
C SER B 63 -7.77 -29.75 -22.04
N VAL B 64 -7.80 -30.45 -20.91
CA VAL B 64 -6.59 -31.13 -20.36
C VAL B 64 -6.90 -32.61 -20.18
N THR B 65 -6.46 -33.39 -21.16
CA THR B 65 -6.85 -34.80 -21.34
C THR B 65 -5.58 -35.58 -21.64
N ILE B 66 -5.41 -36.66 -20.90
CA ILE B 66 -4.25 -37.60 -21.01
C ILE B 66 -4.87 -38.97 -21.29
N SER B 67 -4.30 -39.71 -22.23
CA SER B 67 -4.78 -41.08 -22.53
C SER B 67 -3.66 -41.93 -23.13
N ASN B 68 -3.73 -43.24 -22.87
CA ASN B 68 -2.94 -44.27 -23.60
C ASN B 68 -3.79 -44.86 -24.72
N ASP B 69 -3.15 -45.25 -25.84
CA ASP B 69 -3.82 -45.95 -26.97
C ASP B 69 -4.42 -47.23 -26.37
N THR B 70 -3.55 -48.04 -25.76
CA THR B 70 -3.92 -49.24 -24.96
C THR B 70 -4.32 -48.81 -23.55
N PRO B 71 -5.62 -48.84 -23.18
CA PRO B 71 -6.04 -48.43 -21.84
C PRO B 71 -5.37 -49.22 -20.70
N PHE B 72 -5.37 -48.63 -19.50
CA PHE B 72 -4.91 -49.22 -18.21
C PHE B 72 -5.83 -50.39 -17.83
N HIS B 73 -5.31 -51.36 -17.07
CA HIS B 73 -6.10 -52.46 -16.44
C HIS B 73 -6.99 -51.88 -15.32
N GLN B 74 -8.15 -52.52 -15.05
CA GLN B 74 -9.16 -52.10 -14.04
C GLN B 74 -8.50 -51.88 -12.67
N GLY B 75 -7.49 -52.70 -12.31
CA GLY B 75 -6.72 -52.60 -11.06
C GLY B 75 -5.88 -51.33 -10.98
N GLU B 76 -5.06 -51.09 -12.02
CA GLU B 76 -4.16 -49.91 -12.15
C GLU B 76 -5.00 -48.62 -12.09
N LEU B 77 -6.16 -48.59 -12.78
CA LEU B 77 -7.09 -47.42 -12.85
C LEU B 77 -7.76 -47.16 -11.49
N LYS B 78 -8.16 -48.21 -10.75
CA LYS B 78 -8.77 -48.09 -9.39
C LYS B 78 -7.73 -47.46 -8.45
N LYS B 79 -6.48 -47.94 -8.50
CA LYS B 79 -5.37 -47.47 -7.61
C LYS B 79 -5.11 -45.98 -7.91
N LEU B 80 -4.94 -45.64 -9.20
CA LEU B 80 -4.63 -44.25 -9.67
C LEU B 80 -5.77 -43.30 -9.26
N GLU B 81 -7.01 -43.69 -9.48
CA GLU B 81 -8.19 -42.85 -9.08
C GLU B 81 -8.20 -42.65 -7.57
N SER B 82 -7.83 -43.68 -6.79
CA SER B 82 -7.79 -43.62 -5.31
C SER B 82 -6.71 -42.63 -4.86
N LEU B 83 -5.53 -42.66 -5.47
CA LEU B 83 -4.42 -41.73 -5.19
C LEU B 83 -4.84 -40.29 -5.50
N LEU B 84 -5.37 -40.02 -6.69
CA LEU B 84 -5.84 -38.67 -7.13
C LEU B 84 -6.88 -38.14 -6.14
N ARG B 85 -7.77 -39.03 -5.65
CA ARG B 85 -8.89 -38.66 -4.73
C ARG B 85 -8.33 -38.18 -3.38
N THR B 86 -7.13 -38.63 -2.96
CA THR B 86 -6.51 -38.24 -1.67
C THR B 86 -6.13 -36.75 -1.68
N PHE B 87 -6.06 -36.09 -2.84
CA PHE B 87 -5.64 -34.66 -2.95
C PHE B 87 -6.84 -33.71 -3.02
N HIS B 88 -8.04 -34.15 -2.61
CA HIS B 88 -9.26 -33.31 -2.56
C HIS B 88 -9.03 -32.15 -1.59
N PRO B 89 -9.64 -30.96 -1.80
CA PRO B 89 -10.44 -30.67 -3.00
C PRO B 89 -9.65 -30.15 -4.20
N TRP B 90 -10.02 -30.63 -5.40
CA TRP B 90 -9.57 -30.09 -6.72
C TRP B 90 -10.50 -28.94 -7.10
N ARG B 91 -10.01 -27.71 -7.10
CA ARG B 91 -10.80 -26.53 -7.53
C ARG B 91 -10.70 -26.38 -9.05
N LYS B 92 -9.56 -25.99 -9.60
CA LYS B 92 -9.45 -25.68 -11.05
C LYS B 92 -9.42 -26.99 -11.86
N GLY B 93 -9.99 -26.93 -13.07
CA GLY B 93 -10.06 -28.02 -14.06
C GLY B 93 -11.20 -27.78 -15.06
N PRO B 94 -11.79 -28.84 -15.66
CA PRO B 94 -11.58 -30.23 -15.25
C PRO B 94 -10.39 -30.96 -15.89
N TYR B 95 -10.04 -32.12 -15.33
CA TYR B 95 -8.98 -33.03 -15.83
C TYR B 95 -9.58 -34.41 -16.09
N THR B 96 -9.14 -35.01 -17.19
CA THR B 96 -9.45 -36.39 -17.59
C THR B 96 -8.10 -37.07 -17.88
N VAL B 97 -7.74 -38.05 -17.06
CA VAL B 97 -6.42 -38.73 -17.13
C VAL B 97 -6.66 -40.25 -17.18
N HIS B 98 -6.34 -40.88 -18.32
CA HIS B 98 -6.52 -42.33 -18.57
C HIS B 98 -7.95 -42.74 -18.23
N GLY B 99 -8.96 -41.98 -18.69
CA GLY B 99 -10.40 -42.28 -18.48
C GLY B 99 -10.96 -41.74 -17.17
N ILE B 100 -10.13 -41.52 -16.14
CA ILE B 100 -10.57 -41.00 -14.81
C ILE B 100 -10.87 -39.50 -14.93
N HIS B 101 -12.10 -39.11 -14.64
CA HIS B 101 -12.59 -37.71 -14.62
C HIS B 101 -12.31 -37.13 -13.23
N ILE B 102 -11.28 -36.28 -13.11
CA ILE B 102 -10.92 -35.67 -11.79
C ILE B 102 -12.08 -34.75 -11.35
N ASP B 103 -12.39 -34.81 -10.05
CA ASP B 103 -13.57 -34.18 -9.41
C ASP B 103 -13.35 -32.67 -9.19
N THR B 104 -13.18 -31.87 -10.26
CA THR B 104 -12.90 -30.41 -10.13
C THR B 104 -14.22 -29.68 -9.82
N GLU B 105 -14.11 -28.56 -9.11
CA GLU B 105 -15.25 -27.80 -8.52
C GLU B 105 -15.47 -26.50 -9.32
N TRP B 106 -14.52 -26.08 -10.18
CA TRP B 106 -14.65 -24.90 -11.09
C TRP B 106 -14.50 -25.35 -12.54
N ARG B 107 -15.17 -24.63 -13.44
CA ARG B 107 -15.09 -24.77 -14.92
C ARG B 107 -14.08 -23.73 -15.43
N SER B 108 -12.80 -24.05 -15.23
CA SER B 108 -11.67 -23.20 -15.64
C SER B 108 -11.62 -23.12 -17.17
N ASP B 109 -12.10 -24.16 -17.86
CA ASP B 109 -12.19 -24.20 -19.34
C ASP B 109 -13.06 -23.05 -19.86
N TRP B 110 -14.22 -22.78 -19.28
CA TRP B 110 -15.11 -21.68 -19.80
C TRP B 110 -14.42 -20.33 -19.62
N LYS B 111 -13.87 -20.08 -18.43
CA LYS B 111 -13.03 -18.91 -18.09
C LYS B 111 -11.93 -18.73 -19.17
N TRP B 112 -11.27 -19.82 -19.54
CA TRP B 112 -10.14 -19.79 -20.50
C TRP B 112 -10.65 -19.31 -21.87
N ASP B 113 -11.77 -19.88 -22.32
CA ASP B 113 -12.43 -19.57 -23.63
C ASP B 113 -12.85 -18.10 -23.67
N ARG B 114 -13.29 -17.51 -22.55
CA ARG B 114 -13.75 -16.10 -22.52
C ARG B 114 -12.55 -15.14 -22.57
N VAL B 115 -11.41 -15.56 -22.00
CA VAL B 115 -10.13 -14.77 -21.91
C VAL B 115 -9.41 -14.77 -23.27
N LEU B 116 -9.26 -15.98 -23.83
CA LEU B 116 -8.31 -16.28 -24.93
C LEU B 116 -8.39 -15.25 -26.07
N PRO B 117 -9.59 -14.88 -26.59
CA PRO B 117 -9.65 -13.96 -27.73
C PRO B 117 -9.06 -12.57 -27.45
N HIS B 118 -8.93 -12.17 -26.18
CA HIS B 118 -8.52 -10.79 -25.77
C HIS B 118 -7.02 -10.66 -25.56
N ILE B 119 -6.27 -11.76 -25.58
CA ILE B 119 -4.81 -11.74 -25.22
C ILE B 119 -3.97 -11.81 -26.50
N SER B 120 -2.76 -11.25 -26.47
CA SER B 120 -1.74 -11.43 -27.53
C SER B 120 -1.45 -12.91 -27.66
N PRO B 121 -1.27 -13.42 -28.90
CA PRO B 121 -0.98 -14.83 -29.13
C PRO B 121 0.16 -15.35 -28.25
N LEU B 122 -0.04 -16.50 -27.61
CA LEU B 122 0.89 -17.10 -26.64
C LEU B 122 2.09 -17.79 -27.32
N LYS B 123 2.09 -17.98 -28.63
CA LYS B 123 3.18 -18.70 -29.33
C LYS B 123 4.55 -18.15 -28.90
N ASN B 124 5.41 -19.02 -28.34
CA ASN B 124 6.83 -18.73 -27.95
C ASN B 124 6.94 -17.71 -26.80
N ARG B 125 5.84 -17.38 -26.14
CA ARG B 125 5.84 -16.43 -24.99
C ARG B 125 6.23 -17.18 -23.71
N SER B 126 6.96 -16.53 -22.82
CA SER B 126 7.08 -16.99 -21.40
C SER B 126 5.97 -16.30 -20.61
N VAL B 127 5.33 -17.05 -19.72
CA VAL B 127 4.13 -16.59 -18.97
C VAL B 127 4.34 -16.83 -17.48
N LEU B 128 4.07 -15.78 -16.69
CA LEU B 128 3.94 -15.87 -15.22
C LEU B 128 2.43 -15.87 -14.87
N ASP B 129 1.97 -16.90 -14.17
CA ASP B 129 0.56 -17.09 -13.77
C ASP B 129 0.49 -16.89 -12.25
N VAL B 130 0.09 -15.70 -11.81
CA VAL B 130 0.05 -15.32 -10.36
C VAL B 130 -1.33 -15.70 -9.81
N GLY B 131 -1.36 -16.46 -8.72
CA GLY B 131 -2.59 -17.03 -8.16
C GLY B 131 -3.08 -18.16 -9.05
N CYS B 132 -2.19 -19.08 -9.43
CA CYS B 132 -2.40 -20.08 -10.51
C CYS B 132 -3.19 -21.30 -10.02
N GLY B 133 -3.43 -21.43 -8.71
CA GLY B 133 -4.09 -22.62 -8.16
C GLY B 133 -3.30 -23.86 -8.52
N ASN B 134 -3.97 -24.96 -8.90
CA ASN B 134 -3.29 -26.24 -9.23
C ASN B 134 -2.67 -26.16 -10.62
N GLY B 135 -2.80 -25.04 -11.32
CA GLY B 135 -2.03 -24.78 -12.55
C GLY B 135 -2.78 -25.14 -13.83
N TYR B 136 -4.09 -25.37 -13.76
CA TYR B 136 -4.92 -25.70 -14.96
C TYR B 136 -4.52 -24.82 -16.16
N HIS B 137 -4.50 -23.50 -15.99
CA HIS B 137 -4.38 -22.55 -17.13
C HIS B 137 -2.99 -22.65 -17.77
N MET B 138 -1.99 -23.08 -17.02
CA MET B 138 -0.62 -23.16 -17.58
C MET B 138 -0.59 -24.25 -18.66
N TRP B 139 -1.30 -25.36 -18.45
CA TRP B 139 -1.44 -26.42 -19.47
C TRP B 139 -2.06 -25.81 -20.75
N ARG B 140 -3.12 -25.03 -20.59
CA ARG B 140 -3.86 -24.44 -21.74
C ARG B 140 -2.95 -23.45 -22.47
N MET B 141 -2.07 -22.76 -21.73
CA MET B 141 -1.12 -21.77 -22.29
C MET B 141 -0.08 -22.50 -23.15
N LEU B 142 0.42 -23.65 -22.65
CA LEU B 142 1.35 -24.52 -23.43
C LEU B 142 0.62 -25.03 -24.67
N GLY B 143 -0.66 -25.37 -24.51
CA GLY B 143 -1.56 -25.78 -25.60
C GLY B 143 -1.60 -24.75 -26.72
N GLU B 144 -1.40 -23.47 -26.39
CA GLU B 144 -1.47 -22.35 -27.35
C GLU B 144 -0.08 -21.96 -27.82
N GLY B 145 0.94 -22.77 -27.52
CA GLY B 145 2.32 -22.58 -27.98
C GLY B 145 3.20 -21.76 -27.05
N ALA B 146 2.81 -21.52 -25.79
CA ALA B 146 3.70 -20.87 -24.79
C ALA B 146 4.99 -21.70 -24.69
N ARG B 147 6.14 -21.04 -24.72
CA ARG B 147 7.49 -21.63 -24.46
C ARG B 147 7.63 -22.11 -23.01
N LEU B 148 7.07 -21.38 -22.05
CA LEU B 148 7.37 -21.55 -20.59
C LEU B 148 6.26 -20.91 -19.75
N CYS B 149 5.78 -21.65 -18.75
CA CYS B 149 4.78 -21.20 -17.77
C CYS B 149 5.29 -21.43 -16.36
N VAL B 150 5.34 -20.35 -15.57
CA VAL B 150 5.70 -20.41 -14.14
C VAL B 150 4.48 -19.93 -13.35
N GLY B 151 4.00 -20.80 -12.44
CA GLY B 151 2.87 -20.51 -11.54
C GLY B 151 3.37 -20.11 -10.15
N ILE B 152 2.76 -19.11 -9.53
CA ILE B 152 3.10 -18.53 -8.20
C ILE B 152 1.88 -18.73 -7.30
N ASP B 153 1.93 -19.65 -6.33
CA ASP B 153 0.80 -19.89 -5.41
C ASP B 153 1.26 -20.61 -4.15
N PRO B 154 1.12 -19.99 -2.95
CA PRO B 154 1.66 -20.57 -1.71
C PRO B 154 1.02 -21.84 -1.14
N SER B 155 0.00 -22.41 -1.76
CA SER B 155 -0.69 -23.60 -1.20
C SER B 155 0.14 -24.87 -1.40
N HIS B 156 0.32 -25.64 -0.33
CA HIS B 156 0.92 -27.01 -0.35
C HIS B 156 0.13 -27.91 -1.33
N LEU B 157 -1.20 -27.85 -1.24
CA LEU B 157 -2.08 -28.78 -1.99
C LEU B 157 -1.98 -28.47 -3.48
N PHE B 158 -1.93 -27.20 -3.86
CA PHE B 158 -1.84 -26.78 -5.29
C PHE B 158 -0.58 -27.38 -5.93
N LEU B 159 0.55 -27.32 -5.22
CA LEU B 159 1.84 -27.87 -5.73
C LEU B 159 1.73 -29.40 -5.94
N ILE B 160 1.13 -30.14 -5.01
CA ILE B 160 0.91 -31.61 -5.12
C ILE B 160 0.04 -31.87 -6.36
N GLN B 161 -1.11 -31.22 -6.46
CA GLN B 161 -2.06 -31.44 -7.58
C GLN B 161 -1.31 -31.18 -8.89
N PHE B 162 -0.62 -30.05 -8.98
CA PHE B 162 0.15 -29.71 -10.20
C PHE B 162 1.13 -30.83 -10.52
N GLU B 163 1.91 -31.29 -9.54
CA GLU B 163 2.99 -32.29 -9.77
C GLU B 163 2.36 -33.64 -10.16
N ALA B 164 1.16 -33.97 -9.64
CA ALA B 164 0.42 -35.19 -10.04
C ALA B 164 0.07 -35.08 -11.53
N ILE B 165 -0.51 -33.97 -11.96
CA ILE B 165 -0.85 -33.75 -13.40
C ILE B 165 0.45 -33.78 -14.23
N ARG B 166 1.49 -33.05 -13.81
CA ARG B 166 2.77 -32.98 -14.55
C ARG B 166 3.35 -34.38 -14.69
N LYS B 167 3.22 -35.24 -13.67
CA LYS B 167 3.81 -36.60 -13.72
C LYS B 167 3.05 -37.44 -14.77
N LEU B 168 1.72 -37.36 -14.76
CA LEU B 168 0.86 -38.04 -15.75
C LEU B 168 1.09 -37.48 -17.16
N MET B 169 1.67 -36.28 -17.29
CA MET B 169 2.03 -35.70 -18.61
C MET B 169 3.42 -36.19 -19.05
N GLY B 170 4.06 -37.05 -18.25
CA GLY B 170 5.42 -37.56 -18.52
C GLY B 170 6.53 -36.62 -18.08
N GLY B 171 6.29 -35.78 -17.05
CA GLY B 171 7.30 -34.84 -16.50
C GLY B 171 7.54 -33.60 -17.36
N ASP B 172 6.54 -33.13 -18.13
CA ASP B 172 6.65 -31.89 -18.94
C ASP B 172 7.37 -30.83 -18.08
N GLN B 173 8.52 -30.33 -18.56
CA GLN B 173 9.39 -29.34 -17.88
C GLN B 173 9.09 -27.91 -18.38
N ARG B 174 8.01 -27.69 -19.15
CA ARG B 174 7.72 -26.32 -19.68
C ARG B 174 6.79 -25.56 -18.73
N ALA B 175 6.24 -26.23 -17.72
CA ALA B 175 5.41 -25.63 -16.66
C ALA B 175 5.92 -26.03 -15.27
N HIS B 176 5.89 -25.07 -14.33
CA HIS B 176 6.35 -25.22 -12.92
C HIS B 176 5.50 -24.37 -11.99
N LEU B 177 5.22 -24.91 -10.80
CA LEU B 177 4.50 -24.20 -9.73
C LEU B 177 5.43 -24.02 -8.53
N LEU B 178 5.68 -22.75 -8.16
CA LEU B 178 6.51 -22.37 -7.00
C LEU B 178 5.60 -21.92 -5.86
N PRO B 179 5.76 -22.45 -4.64
CA PRO B 179 4.93 -22.07 -3.50
C PRO B 179 5.35 -20.74 -2.87
N LEU B 180 5.17 -19.64 -3.58
CA LEU B 180 5.68 -18.29 -3.23
C LEU B 180 4.51 -17.31 -3.31
N GLY B 181 4.59 -16.21 -2.55
CA GLY B 181 3.77 -15.03 -2.81
C GLY B 181 4.45 -14.14 -3.83
N ILE B 182 3.67 -13.39 -4.60
CA ILE B 182 4.18 -12.46 -5.62
C ILE B 182 5.18 -11.48 -5.01
N GLU B 183 5.01 -11.14 -3.72
CA GLU B 183 5.86 -10.14 -3.02
C GLU B 183 7.29 -10.67 -2.86
N GLN B 184 7.49 -11.99 -2.90
CA GLN B 184 8.83 -12.61 -2.76
C GLN B 184 9.66 -12.55 -4.05
N LEU B 185 9.08 -12.17 -5.19
CA LEU B 185 9.85 -12.19 -6.47
C LEU B 185 10.69 -10.95 -6.50
N PRO B 186 11.94 -11.00 -7.01
CA PRO B 186 12.63 -9.77 -7.37
C PRO B 186 12.11 -9.18 -8.69
N LYS B 187 12.71 -8.09 -9.13
CA LYS B 187 12.39 -7.44 -10.41
C LYS B 187 13.05 -8.21 -11.57
N LEU B 188 12.36 -9.19 -12.15
CA LEU B 188 12.92 -10.07 -13.22
C LEU B 188 12.83 -9.43 -14.61
N GLU B 189 11.74 -8.73 -14.94
CA GLU B 189 11.48 -8.19 -16.29
C GLU B 189 11.77 -9.28 -17.35
N ALA B 190 11.22 -10.48 -17.17
CA ALA B 190 11.61 -11.69 -17.91
C ALA B 190 10.46 -12.28 -18.73
N PHE B 191 9.20 -12.00 -18.37
CA PHE B 191 8.03 -12.68 -18.99
C PHE B 191 7.41 -11.76 -20.04
N ASP B 192 6.95 -12.38 -21.12
CA ASP B 192 6.21 -11.73 -22.22
C ASP B 192 4.78 -11.40 -21.74
N THR B 193 4.19 -12.31 -20.96
CA THR B 193 2.79 -12.19 -20.49
C THR B 193 2.74 -12.55 -19.00
N VAL B 194 1.96 -11.78 -18.23
CA VAL B 194 1.65 -12.03 -16.80
C VAL B 194 0.14 -12.06 -16.63
N PHE B 195 -0.36 -13.09 -15.98
CA PHE B 195 -1.77 -13.21 -15.52
C PHE B 195 -1.80 -12.97 -14.02
N SER B 196 -2.65 -12.06 -13.57
CA SER B 196 -3.02 -11.89 -12.14
C SER B 196 -4.52 -12.11 -12.02
N MET B 197 -4.94 -13.27 -11.55
CA MET B 197 -6.37 -13.66 -11.55
C MET B 197 -6.79 -13.84 -10.10
N GLY B 198 -7.68 -12.97 -9.62
CA GLY B 198 -8.27 -13.13 -8.30
C GLY B 198 -7.30 -12.84 -7.17
N VAL B 199 -6.33 -11.95 -7.38
CA VAL B 199 -5.27 -11.67 -6.37
C VAL B 199 -5.43 -10.24 -5.84
N LEU B 200 -5.73 -9.25 -6.70
CA LEU B 200 -5.56 -7.81 -6.35
C LEU B 200 -6.31 -7.50 -5.05
N TYR B 201 -7.52 -8.05 -4.87
CA TYR B 201 -8.40 -7.65 -3.75
C TYR B 201 -7.96 -8.25 -2.42
N HIS B 202 -6.96 -9.14 -2.44
CA HIS B 202 -6.33 -9.75 -1.25
C HIS B 202 -5.09 -8.96 -0.84
N ARG B 203 -4.67 -7.96 -1.60
CA ARG B 203 -3.40 -7.22 -1.36
C ARG B 203 -3.73 -5.92 -0.64
N ARG B 204 -3.11 -5.69 0.50
CA ARG B 204 -3.28 -4.46 1.29
C ARG B 204 -2.86 -3.22 0.49
N SER B 205 -1.82 -3.34 -0.34
CA SER B 205 -1.35 -2.26 -1.25
C SER B 205 -1.61 -2.64 -2.71
N PRO B 206 -2.76 -2.28 -3.27
CA PRO B 206 -3.08 -2.70 -4.62
C PRO B 206 -2.13 -2.06 -5.64
N LEU B 207 -1.67 -0.83 -5.44
CA LEU B 207 -0.73 -0.22 -6.44
C LEU B 207 0.64 -0.92 -6.39
N ASP B 208 1.06 -1.40 -5.22
CA ASP B 208 2.35 -2.14 -5.12
C ASP B 208 2.17 -3.48 -5.87
N HIS B 209 0.98 -4.08 -5.82
CA HIS B 209 0.66 -5.30 -6.61
C HIS B 209 0.78 -5.03 -8.11
N LEU B 210 0.24 -3.93 -8.59
CA LEU B 210 0.35 -3.57 -10.04
C LEU B 210 1.82 -3.31 -10.39
N ILE B 211 2.62 -2.71 -9.51
CA ILE B 211 4.06 -2.43 -9.82
C ILE B 211 4.82 -3.76 -9.82
N GLN B 212 4.53 -4.63 -8.87
CA GLN B 212 5.11 -5.99 -8.81
C GLN B 212 4.90 -6.69 -10.15
N LEU B 213 3.70 -6.58 -10.73
CA LEU B 213 3.36 -7.29 -12.00
C LEU B 213 4.14 -6.61 -13.14
N LYS B 214 4.11 -5.29 -13.24
CA LYS B 214 4.90 -4.57 -14.27
C LYS B 214 6.37 -5.02 -14.21
N ASP B 215 6.91 -5.21 -13.01
CA ASP B 215 8.34 -5.57 -12.78
C ASP B 215 8.71 -6.98 -13.28
N GLN B 216 7.74 -7.87 -13.55
CA GLN B 216 8.01 -9.24 -14.05
C GLN B 216 7.94 -9.28 -15.59
N LEU B 217 7.51 -8.21 -16.25
CA LEU B 217 7.29 -8.17 -17.72
C LEU B 217 8.50 -7.60 -18.43
N VAL B 218 8.79 -8.13 -19.61
CA VAL B 218 9.75 -7.51 -20.58
C VAL B 218 9.13 -6.22 -21.10
N SER B 219 9.93 -5.36 -21.72
CA SER B 219 9.51 -4.24 -22.59
C SER B 219 8.41 -4.71 -23.55
N GLY B 220 7.33 -3.95 -23.65
CA GLY B 220 6.17 -4.29 -24.50
C GLY B 220 5.42 -5.55 -24.08
N GLY B 221 5.67 -6.15 -22.91
CA GLY B 221 4.95 -7.35 -22.46
C GLY B 221 3.51 -7.04 -22.09
N GLU B 222 2.71 -8.06 -21.86
CA GLU B 222 1.25 -7.90 -21.66
C GLU B 222 0.84 -8.39 -20.26
N LEU B 223 -0.04 -7.62 -19.61
CA LEU B 223 -0.70 -8.00 -18.32
C LEU B 223 -2.18 -8.31 -18.61
N ILE B 224 -2.64 -9.45 -18.10
CA ILE B 224 -4.08 -9.80 -17.99
C ILE B 224 -4.39 -9.81 -16.50
N LEU B 225 -5.30 -8.94 -16.07
CA LEU B 225 -5.62 -8.68 -14.65
C LEU B 225 -7.11 -8.96 -14.46
N GLU B 226 -7.44 -9.92 -13.64
CA GLU B 226 -8.86 -10.16 -13.29
C GLU B 226 -9.02 -9.98 -11.79
N THR B 227 -10.04 -9.22 -11.37
CA THR B 227 -10.32 -9.01 -9.93
C THR B 227 -11.81 -8.75 -9.73
N LEU B 228 -12.24 -8.71 -8.46
CA LEU B 228 -13.62 -8.35 -8.06
C LEU B 228 -13.75 -6.82 -8.08
N VAL B 229 -14.86 -6.32 -8.63
CA VAL B 229 -15.06 -4.87 -8.87
C VAL B 229 -16.48 -4.50 -8.45
N ILE B 230 -16.73 -3.19 -8.39
CA ILE B 230 -18.08 -2.59 -8.24
C ILE B 230 -18.37 -1.80 -9.53
N GLU B 231 -19.65 -1.50 -9.78
CA GLU B 231 -20.04 -0.63 -10.93
C GLU B 231 -19.61 0.79 -10.56
N GLY B 232 -19.22 1.59 -11.54
CA GLY B 232 -19.13 3.04 -11.32
C GLY B 232 -18.06 3.61 -12.19
N ASP B 233 -17.79 4.89 -11.98
CA ASP B 233 -16.81 5.67 -12.76
C ASP B 233 -15.43 5.55 -12.08
N GLU B 234 -14.51 6.43 -12.46
CA GLU B 234 -13.07 6.40 -12.10
C GLU B 234 -12.85 6.66 -10.60
N THR B 235 -13.85 7.14 -9.85
CA THR B 235 -13.75 7.43 -8.40
C THR B 235 -14.65 6.50 -7.57
N ALA B 236 -15.08 5.38 -8.15
CA ALA B 236 -15.85 4.36 -7.40
C ALA B 236 -14.90 3.29 -6.89
N VAL B 237 -14.72 3.19 -5.58
CA VAL B 237 -13.79 2.22 -4.94
C VAL B 237 -14.37 1.74 -3.61
N LEU B 238 -14.73 0.47 -3.52
CA LEU B 238 -15.26 -0.09 -2.25
C LEU B 238 -14.10 -0.63 -1.41
N VAL B 239 -14.06 -0.24 -0.14
CA VAL B 239 -13.25 -0.92 0.91
C VAL B 239 -14.22 -1.29 2.03
N PRO B 240 -14.31 -2.56 2.46
CA PRO B 240 -15.23 -2.94 3.54
C PRO B 240 -14.71 -2.54 4.92
N LYS B 241 -15.59 -2.29 5.87
CA LYS B 241 -15.18 -2.02 7.29
C LYS B 241 -14.66 -3.33 7.91
N GLU B 242 -15.10 -4.50 7.44
CA GLU B 242 -14.58 -5.79 7.96
C GLU B 242 -14.55 -6.83 6.82
N ARG B 243 -15.60 -7.62 6.62
CA ARG B 243 -15.65 -8.64 5.53
C ARG B 243 -16.43 -8.09 4.32
N TYR B 244 -16.02 -8.53 3.13
CA TYR B 244 -16.80 -8.40 1.88
C TYR B 244 -17.18 -9.81 1.38
N ALA B 245 -18.47 -10.05 1.22
CA ALA B 245 -19.00 -11.36 0.81
C ALA B 245 -18.41 -12.44 1.74
N GLN B 246 -18.35 -12.15 3.04
CA GLN B 246 -17.91 -13.09 4.12
C GLN B 246 -16.43 -13.46 3.98
N MET B 247 -15.67 -12.77 3.15
CA MET B 247 -14.22 -13.01 3.01
C MET B 247 -13.47 -12.05 3.95
N ARG B 248 -12.53 -12.59 4.71
CA ARG B 248 -11.58 -11.85 5.57
C ARG B 248 -10.36 -11.50 4.71
N ASN B 249 -9.53 -10.56 5.13
CA ASN B 249 -8.23 -10.29 4.49
C ASN B 249 -8.47 -9.80 3.05
N VAL B 250 -9.44 -8.89 2.87
CA VAL B 250 -9.76 -8.27 1.58
C VAL B 250 -9.72 -6.75 1.76
N TYR B 251 -9.36 -6.01 0.71
CA TYR B 251 -9.01 -4.58 0.80
C TYR B 251 -9.80 -3.81 -0.25
N PHE B 252 -9.24 -3.65 -1.45
CA PHE B 252 -9.76 -2.73 -2.47
C PHE B 252 -10.53 -3.50 -3.55
N PHE B 253 -11.72 -2.98 -3.85
CA PHE B 253 -12.65 -3.40 -4.93
C PHE B 253 -12.95 -2.16 -5.75
N PRO B 254 -12.05 -1.73 -6.64
CA PRO B 254 -12.32 -0.58 -7.49
C PRO B 254 -13.37 -0.94 -8.56
N SER B 255 -14.02 0.05 -9.15
CA SER B 255 -14.69 -0.12 -10.46
C SER B 255 -13.64 -0.49 -11.51
N ALA B 256 -14.03 -1.18 -12.59
CA ALA B 256 -13.10 -1.41 -13.72
C ALA B 256 -12.57 -0.07 -14.27
N ARG B 257 -13.35 1.00 -14.28
CA ARG B 257 -12.85 2.28 -14.84
C ARG B 257 -11.83 2.88 -13.88
N ALA B 258 -12.02 2.71 -12.57
CA ALA B 258 -11.05 3.14 -11.53
C ALA B 258 -9.75 2.34 -11.73
N LEU B 259 -9.88 1.02 -11.86
CA LEU B 259 -8.72 0.12 -12.02
C LEU B 259 -7.92 0.52 -13.26
N LYS B 260 -8.59 0.97 -14.31
CA LYS B 260 -7.91 1.38 -15.57
C LYS B 260 -7.01 2.58 -15.26
N VAL B 261 -7.50 3.51 -14.46
CA VAL B 261 -6.72 4.72 -14.10
C VAL B 261 -5.52 4.29 -13.25
N TRP B 262 -5.73 3.36 -12.31
CA TRP B 262 -4.66 2.87 -11.40
C TRP B 262 -3.50 2.32 -12.25
N LEU B 263 -3.82 1.47 -13.24
CA LEU B 263 -2.82 0.84 -14.14
C LEU B 263 -2.08 1.93 -14.93
N GLU B 264 -2.76 2.99 -15.36
CA GLU B 264 -2.11 4.08 -16.14
C GLU B 264 -1.16 4.85 -15.21
N LEU B 265 -1.55 5.04 -13.95
CA LEU B 265 -0.76 5.84 -12.96
C LEU B 265 0.59 5.16 -12.74
N VAL B 266 0.57 3.85 -12.61
CA VAL B 266 1.70 2.93 -12.34
C VAL B 266 2.54 2.81 -13.62
N GLY B 267 2.03 3.26 -14.77
CA GLY B 267 2.84 3.37 -16.01
C GLY B 267 2.48 2.37 -17.09
N PHE B 268 1.38 1.62 -16.97
CA PHE B 268 0.88 0.79 -18.09
C PHE B 268 0.24 1.68 -19.16
N GLU B 269 0.12 1.10 -20.36
CA GLU B 269 -0.33 1.68 -21.66
C GLU B 269 -1.41 0.80 -22.29
N ASP B 270 -2.23 1.41 -23.15
N ASP B 270 -2.21 1.38 -23.20
CA ASP B 270 -3.23 0.71 -23.99
CA ASP B 270 -3.23 0.67 -24.02
C ASP B 270 -4.08 -0.17 -23.07
C ASP B 270 -4.10 -0.19 -23.08
N VAL B 271 -4.62 0.41 -22.00
CA VAL B 271 -5.40 -0.34 -20.98
C VAL B 271 -6.81 -0.53 -21.52
N ARG B 272 -7.30 -1.78 -21.56
CA ARG B 272 -8.65 -2.07 -22.05
C ARG B 272 -9.39 -2.90 -21.02
N ILE B 273 -10.62 -2.49 -20.74
CA ILE B 273 -11.63 -3.29 -19.99
C ILE B 273 -12.25 -4.22 -21.02
N VAL B 274 -12.14 -5.51 -20.81
CA VAL B 274 -12.34 -6.53 -21.87
C VAL B 274 -13.57 -7.36 -21.53
N ASP B 275 -13.99 -7.38 -20.27
CA ASP B 275 -15.05 -8.30 -19.81
C ASP B 275 -15.50 -7.86 -18.42
N GLU B 276 -16.81 -7.91 -18.15
CA GLU B 276 -17.37 -7.58 -16.81
C GLU B 276 -18.69 -8.34 -16.64
N ASN B 277 -18.83 -9.10 -15.56
CA ASN B 277 -19.99 -9.99 -15.31
C ASN B 277 -20.27 -10.09 -13.82
N VAL B 278 -21.57 -10.11 -13.47
CA VAL B 278 -22.06 -10.39 -12.09
C VAL B 278 -21.90 -11.90 -11.86
N THR B 279 -21.27 -12.31 -10.76
CA THR B 279 -20.97 -13.75 -10.52
C THR B 279 -22.27 -14.44 -10.06
N SER B 280 -22.41 -15.73 -10.36
CA SER B 280 -23.48 -16.62 -9.86
C SER B 280 -22.91 -17.51 -8.76
N VAL B 281 -22.62 -18.77 -9.10
CA VAL B 281 -22.01 -19.81 -8.20
C VAL B 281 -20.55 -20.02 -8.62
N THR B 287 -24.99 -25.90 -6.09
CA THR B 287 -25.02 -25.99 -4.60
C THR B 287 -25.26 -27.44 -4.18
N ASN B 288 -25.30 -27.68 -2.86
CA ASN B 288 -25.95 -28.84 -2.19
C ASN B 288 -27.44 -28.85 -2.62
N TRP B 289 -28.01 -30.00 -3.00
CA TRP B 289 -29.41 -30.07 -3.49
C TRP B 289 -30.42 -29.93 -2.35
N MET B 290 -29.96 -30.03 -1.08
CA MET B 290 -30.77 -29.81 0.15
C MET B 290 -30.85 -28.31 0.50
N THR B 291 -30.13 -27.45 -0.20
CA THR B 291 -30.28 -25.98 -0.10
C THR B 291 -31.61 -25.56 -0.75
N HIS B 292 -32.33 -24.67 -0.09
CA HIS B 292 -33.56 -24.00 -0.59
C HIS B 292 -33.27 -23.33 -1.94
N ASN B 293 -32.09 -22.72 -2.08
CA ASN B 293 -31.68 -22.09 -3.35
C ASN B 293 -30.14 -22.13 -3.49
N SER B 294 -29.66 -21.67 -4.64
CA SER B 294 -28.22 -21.74 -5.02
C SER B 294 -27.60 -20.35 -4.85
N LEU B 295 -28.28 -19.41 -4.18
CA LEU B 295 -27.66 -18.12 -3.76
C LEU B 295 -26.54 -18.47 -2.81
N PRO B 296 -25.29 -18.02 -3.00
CA PRO B 296 -24.26 -18.14 -1.97
C PRO B 296 -24.77 -17.56 -0.64
N ASP B 297 -24.22 -18.04 0.48
CA ASP B 297 -24.55 -17.54 1.85
C ASP B 297 -24.13 -16.07 1.97
N TYR B 298 -23.17 -15.63 1.15
CA TYR B 298 -22.66 -14.23 1.19
C TYR B 298 -23.68 -13.24 0.60
N LEU B 299 -24.69 -13.68 -0.15
CA LEU B 299 -25.73 -12.76 -0.71
C LEU B 299 -26.88 -12.57 0.28
N ASP B 300 -27.40 -11.35 0.35
CA ASP B 300 -28.68 -11.00 0.99
C ASP B 300 -29.85 -11.71 0.27
N GLN B 301 -30.59 -12.56 0.98
CA GLN B 301 -31.71 -13.41 0.45
C GLN B 301 -32.91 -12.53 0.08
N ASN B 302 -33.07 -11.35 0.68
CA ASN B 302 -34.17 -10.42 0.28
C ASN B 302 -33.73 -9.49 -0.86
N ASP B 303 -32.45 -9.45 -1.21
CA ASP B 303 -31.95 -8.62 -2.35
C ASP B 303 -30.61 -9.14 -2.82
N PRO B 304 -30.58 -10.09 -3.77
CA PRO B 304 -29.30 -10.70 -4.16
C PRO B 304 -28.39 -9.79 -5.00
N SER B 305 -28.77 -8.54 -5.21
CA SER B 305 -27.83 -7.50 -5.73
C SER B 305 -26.89 -7.01 -4.61
N LYS B 306 -27.07 -7.45 -3.36
CA LYS B 306 -26.25 -7.04 -2.20
C LYS B 306 -25.67 -8.25 -1.46
N THR B 307 -24.51 -8.06 -0.83
CA THR B 307 -23.91 -9.00 0.15
C THR B 307 -24.75 -8.97 1.43
N VAL B 308 -24.58 -9.97 2.31
CA VAL B 308 -25.19 -9.99 3.68
C VAL B 308 -24.70 -8.76 4.46
N GLU B 309 -23.54 -8.20 4.13
CA GLU B 309 -22.99 -7.00 4.82
C GLU B 309 -23.64 -5.73 4.25
N GLY B 310 -24.32 -5.82 3.10
CA GLY B 310 -25.03 -4.66 2.53
C GLY B 310 -24.28 -3.98 1.38
N TYR B 311 -23.14 -4.50 0.94
CA TYR B 311 -22.37 -3.93 -0.19
C TYR B 311 -22.92 -4.47 -1.51
N PRO B 312 -22.53 -3.91 -2.68
CA PRO B 312 -22.84 -4.53 -3.97
C PRO B 312 -22.27 -5.96 -4.08
N ALA B 313 -23.07 -6.86 -4.65
CA ALA B 313 -22.72 -8.27 -4.89
C ALA B 313 -21.49 -8.36 -5.79
N PRO B 314 -20.71 -9.44 -5.66
CA PRO B 314 -19.51 -9.63 -6.47
C PRO B 314 -19.72 -9.49 -8.00
N ARG B 315 -18.81 -8.77 -8.65
CA ARG B 315 -18.65 -8.74 -10.13
C ARG B 315 -17.17 -8.92 -10.44
N ARG B 316 -16.86 -9.65 -11.50
CA ARG B 316 -15.47 -9.87 -11.99
C ARG B 316 -15.29 -8.99 -13.23
N ALA B 317 -14.18 -8.29 -13.31
CA ALA B 317 -13.73 -7.61 -14.53
C ALA B 317 -12.39 -8.22 -14.97
N ILE B 318 -12.12 -8.20 -16.28
CA ILE B 318 -10.81 -8.55 -16.87
C ILE B 318 -10.29 -7.32 -17.60
N LEU B 319 -9.06 -6.90 -17.30
CA LEU B 319 -8.36 -5.82 -18.01
C LEU B 319 -7.12 -6.41 -18.69
N VAL B 320 -6.70 -5.79 -19.78
CA VAL B 320 -5.48 -6.17 -20.54
C VAL B 320 -4.70 -4.87 -20.67
N ALA B 321 -3.39 -4.90 -20.41
CA ALA B 321 -2.53 -3.71 -20.53
C ALA B 321 -1.16 -4.10 -21.06
N LYS B 322 -0.40 -3.09 -21.47
CA LYS B 322 0.91 -3.23 -22.13
C LYS B 322 1.94 -2.48 -21.28
N LYS B 323 3.08 -3.08 -20.99
CA LYS B 323 4.22 -2.32 -20.43
C LYS B 323 4.78 -1.47 -21.56
N PRO B 324 5.14 -0.19 -21.34
CA PRO B 324 5.82 0.62 -22.36
C PRO B 324 7.04 -0.07 -23.00
N GLY B 325 7.34 0.31 -24.24
CA GLY B 325 8.50 -0.19 -25.02
C GLY B 325 8.08 -1.17 -26.10
N HIS B 326 8.97 -1.40 -27.07
CA HIS B 326 8.77 -2.35 -28.20
C HIS B 326 8.97 -3.77 -27.68
N HIS B 327 8.09 -4.71 -28.07
CA HIS B 327 8.18 -6.15 -27.70
C HIS B 327 9.12 -6.88 -28.68
N HIS B 328 10.28 -7.36 -28.22
CA HIS B 328 11.30 -8.09 -29.03
C HIS B 328 10.91 -9.57 -29.19
N HIS B 329 11.36 -10.20 -30.29
CA HIS B 329 11.14 -11.60 -30.72
C HIS B 329 9.96 -12.26 -29.97
#